data_7S0Y
#
_entry.id   7S0Y
#
_cell.length_a   122.354
_cell.length_b   140.948
_cell.length_c   111.803
_cell.angle_alpha   90.00
_cell.angle_beta   90.00
_cell.angle_gamma   90.00
#
_symmetry.space_group_name_H-M   'C 2 2 21'
#
loop_
_entity.id
_entity.type
_entity.pdbx_description
1 polymer 'Toxin B'
2 polymer 'Cell division control protein 42 homolog'
3 non-polymer 'MANGANESE (II) ION'
4 non-polymer "URIDINE-5'-DIPHOSPHATE"
5 non-polymer 'SULFATE ION'
6 non-polymer "GUANOSINE-5'-DIPHOSPHATE"
7 non-polymer 'MAGNESIUM ION'
8 water water
#
loop_
_entity_poly.entity_id
_entity_poly.type
_entity_poly.pdbx_seq_one_letter_code
_entity_poly.pdbx_strand_id
1 'polypeptide(L)'
;GGMSLVNRKQLEKMANVRFRTQEDEYVAILDALEEYHNMSENTVVEKYLKLKDINSLTDIYIDTYKKSGRNKALKKFKEY
LVTEVLELKNNNLTPVEKNLHFVWIGGQINDTAINYINQWKDVNSDYNVNVFYDSNAFLINTLKKTVVESAINDTLESFR
ENLNDPRFDYNKFFRKRMEIIYDKQKNFINYYKAQREENPELIIDDIVKTYLSNEYSKEIDELNTYIEESLNKITQNSGN
DVRNFEEFKNGESFNLYEQELVERWNLAAASDILRISALKEIGGMYLDVDMLPGIQPDLFESIEKPSSVTVDFWEMTKLE
AIMKYKEYIPEYTSEHFDMLDEEVQSSFESVLASKSDKSEIFSSLGDMEASPLEVKIAFNSKGIINQGLISVKDSYSSNL
IVKQIENRYKILNNSLNPAISEDNDFNTTTNTFIDSIMAEANADNGRFMMELGKYLRVGFFPDVKTTINLSGPEAYAAAY
QDLLMFKEGSMNIHLIEADLRNFEISKTNISQSTEQEMASLWSFDDARAKAQFEEYKRNYFE
;
A
2 'polypeptide(L)'
;GSKLIKCVVVGDGAVGKTCLLISYTTNKFPSEYVPNVFDNYAVTVMIGGEPYTLGLFDTAGQEDYDRLRPLSYPQTDVFL
VCFSVVSPSSFENVKEKWVPEITHHCPKTPFLLVGTQIDLRDDPSTIEKLAKNKQKPITPETAEKLARDLKAVKYVECSA
LTQKGLKNVFDEAILAALEP
;
B
#
# COMPACT_ATOMS: atom_id res chain seq x y z
N GLY A 1 -21.55 21.42 5.91
CA GLY A 1 -20.16 21.88 6.16
C GLY A 1 -19.68 22.90 5.14
N GLY A 2 -19.88 22.62 3.84
CA GLY A 2 -19.38 23.43 2.72
C GLY A 2 -20.23 24.66 2.45
N MET A 3 -20.58 24.87 1.17
CA MET A 3 -21.27 26.08 0.65
C MET A 3 -21.96 25.69 -0.67
N SER A 4 -23.28 25.87 -0.74
CA SER A 4 -24.12 25.56 -1.94
C SER A 4 -23.40 26.02 -3.21
N LEU A 5 -23.56 25.28 -4.33
CA LEU A 5 -22.90 25.61 -5.63
C LEU A 5 -23.58 26.84 -6.24
N VAL A 6 -22.81 27.64 -6.98
CA VAL A 6 -23.27 28.91 -7.62
C VAL A 6 -24.33 28.58 -8.69
N ASN A 7 -25.37 29.43 -8.79
CA ASN A 7 -26.43 29.40 -9.83
C ASN A 7 -25.88 29.85 -11.20
N ARG A 8 -26.74 29.86 -12.22
CA ARG A 8 -26.42 30.39 -13.58
C ARG A 8 -26.22 31.91 -13.49
N LYS A 9 -27.04 32.58 -12.68
CA LYS A 9 -27.01 34.05 -12.42
C LYS A 9 -25.72 34.41 -11.67
N GLN A 10 -25.40 33.61 -10.64
CA GLN A 10 -24.27 33.84 -9.69
C GLN A 10 -22.92 33.69 -10.43
N LEU A 11 -22.86 32.98 -11.56
CA LEU A 11 -21.60 32.71 -12.30
C LEU A 11 -21.28 33.85 -13.27
N GLU A 12 -22.30 34.47 -13.89
CA GLU A 12 -22.10 35.59 -14.85
C GLU A 12 -21.56 36.79 -14.08
N LYS A 13 -22.15 37.06 -12.90
CA LYS A 13 -21.70 38.06 -11.89
C LYS A 13 -20.21 37.82 -11.56
N MET A 14 -19.84 36.56 -11.32
CA MET A 14 -18.46 36.12 -10.96
C MET A 14 -17.51 36.30 -12.14
N ALA A 15 -17.85 35.74 -13.31
CA ALA A 15 -16.99 35.69 -14.51
C ALA A 15 -17.22 36.92 -15.40
N ASN A 16 -17.96 37.92 -14.90
CA ASN A 16 -18.20 39.21 -15.61
C ASN A 16 -16.87 39.83 -16.04
N VAL A 17 -16.78 40.29 -17.28
CA VAL A 17 -15.67 41.17 -17.77
C VAL A 17 -16.30 42.24 -18.67
N ARG A 18 -15.60 43.36 -18.90
CA ARG A 18 -16.12 44.49 -19.70
C ARG A 18 -15.53 44.44 -21.11
N PHE A 19 -16.32 44.88 -22.10
CA PHE A 19 -16.02 44.82 -23.55
C PHE A 19 -16.02 43.36 -24.02
N ARG A 20 -16.66 42.52 -23.21
CA ARG A 20 -16.68 41.05 -23.36
C ARG A 20 -17.59 40.71 -24.52
N THR A 21 -17.18 39.75 -25.34
CA THR A 21 -18.11 38.93 -26.15
C THR A 21 -18.47 37.69 -25.34
N GLN A 22 -19.77 37.46 -25.08
CA GLN A 22 -20.27 36.19 -24.50
C GLN A 22 -20.04 35.07 -25.54
N GLU A 23 -18.93 34.33 -25.38
CA GLU A 23 -18.41 33.33 -26.36
C GLU A 23 -19.36 32.11 -26.41
N ASP A 24 -19.20 31.22 -27.40
CA ASP A 24 -20.01 29.99 -27.52
C ASP A 24 -19.54 28.97 -26.46
N GLU A 25 -18.24 28.99 -26.14
CA GLU A 25 -17.59 28.12 -25.13
C GLU A 25 -18.06 28.52 -23.72
N TYR A 26 -18.25 29.82 -23.47
CA TYR A 26 -18.65 30.39 -22.16
C TYR A 26 -20.15 30.14 -21.92
N VAL A 27 -20.96 30.24 -22.98
CA VAL A 27 -22.43 29.99 -22.92
C VAL A 27 -22.62 28.49 -22.63
N ALA A 28 -21.87 27.64 -23.33
CA ALA A 28 -21.83 26.17 -23.13
C ALA A 28 -21.76 25.85 -21.63
N ILE A 29 -20.95 26.62 -20.89
CA ILE A 29 -20.72 26.44 -19.43
C ILE A 29 -22.00 26.81 -18.67
N LEU A 30 -22.55 28.02 -18.87
CA LEU A 30 -23.81 28.48 -18.24
C LEU A 30 -24.93 27.47 -18.55
N ASP A 31 -25.06 27.07 -19.83
CA ASP A 31 -26.10 26.14 -20.34
C ASP A 31 -26.07 24.85 -19.51
N ALA A 32 -24.86 24.29 -19.35
CA ALA A 32 -24.57 23.05 -18.60
C ALA A 32 -24.86 23.26 -17.11
N LEU A 33 -24.52 24.43 -16.55
CA LEU A 33 -24.70 24.75 -15.09
C LEU A 33 -26.20 24.94 -14.78
N GLU A 34 -26.97 25.52 -15.70
CA GLU A 34 -28.44 25.67 -15.55
C GLU A 34 -29.08 24.28 -15.44
N GLU A 35 -28.79 23.38 -16.41
CA GLU A 35 -29.32 21.99 -16.49
C GLU A 35 -29.04 21.24 -15.19
N TYR A 36 -27.84 21.39 -14.64
CA TYR A 36 -27.39 20.74 -13.37
C TYR A 36 -28.37 21.04 -12.23
N HIS A 37 -28.90 22.27 -12.14
CA HIS A 37 -29.73 22.74 -10.98
C HIS A 37 -31.16 22.19 -11.07
N ASN A 38 -31.76 22.14 -12.26
CA ASN A 38 -33.11 21.57 -12.49
C ASN A 38 -32.97 20.08 -12.86
N MET A 39 -32.17 19.34 -12.10
CA MET A 39 -31.88 17.90 -12.33
C MET A 39 -32.26 17.11 -11.07
N SER A 40 -33.37 17.51 -10.43
CA SER A 40 -33.80 17.07 -9.09
C SER A 40 -34.62 15.77 -9.15
N GLU A 41 -34.69 15.12 -10.32
CA GLU A 41 -35.33 13.79 -10.50
C GLU A 41 -34.33 12.79 -11.06
N ASN A 42 -33.03 13.12 -11.05
CA ASN A 42 -31.93 12.28 -11.60
C ASN A 42 -31.13 11.64 -10.47
N THR A 43 -30.42 10.55 -10.78
CA THR A 43 -29.48 9.84 -9.87
C THR A 43 -28.13 10.55 -9.89
N VAL A 44 -27.33 10.36 -8.83
CA VAL A 44 -26.09 11.12 -8.54
C VAL A 44 -25.06 10.91 -9.66
N VAL A 45 -25.12 9.76 -10.35
CA VAL A 45 -24.14 9.40 -11.43
C VAL A 45 -24.37 10.36 -12.61
N GLU A 46 -25.62 10.52 -13.03
CA GLU A 46 -26.00 11.43 -14.15
C GLU A 46 -25.54 12.84 -13.79
N LYS A 47 -25.83 13.28 -12.57
CA LYS A 47 -25.42 14.59 -11.99
C LYS A 47 -23.89 14.72 -12.07
N TYR A 48 -23.14 13.81 -11.44
CA TYR A 48 -21.65 13.80 -11.48
C TYR A 48 -21.15 14.02 -12.92
N LEU A 49 -21.76 13.33 -13.88
CA LEU A 49 -21.32 13.33 -15.30
C LEU A 49 -21.61 14.70 -15.92
N LYS A 50 -22.64 15.41 -15.44
CA LYS A 50 -22.88 16.81 -15.85
C LYS A 50 -21.64 17.63 -15.44
N LEU A 51 -21.29 17.60 -14.14
CA LEU A 51 -20.11 18.35 -13.58
C LEU A 51 -18.85 18.05 -14.40
N LYS A 52 -18.67 16.81 -14.88
CA LYS A 52 -17.51 16.42 -15.72
C LYS A 52 -17.54 17.21 -17.02
N ASP A 53 -18.74 17.35 -17.61
CA ASP A 53 -18.97 18.08 -18.89
C ASP A 53 -18.61 19.55 -18.67
N ILE A 54 -19.18 20.14 -17.62
CA ILE A 54 -18.95 21.56 -17.19
C ILE A 54 -17.44 21.82 -17.11
N ASN A 55 -16.70 20.97 -16.39
CA ASN A 55 -15.25 21.13 -16.11
C ASN A 55 -14.47 21.00 -17.43
N SER A 56 -14.80 20.01 -18.26
CA SER A 56 -14.13 19.78 -19.56
C SER A 56 -14.41 20.98 -20.48
N LEU A 57 -15.61 21.56 -20.37
CA LEU A 57 -16.02 22.77 -21.14
C LEU A 57 -15.17 23.97 -20.68
N THR A 58 -15.10 24.19 -19.37
CA THR A 58 -14.31 25.26 -18.72
C THR A 58 -12.85 25.18 -19.20
N ASP A 59 -12.30 23.97 -19.37
CA ASP A 59 -10.86 23.71 -19.66
C ASP A 59 -10.53 24.05 -21.12
N ILE A 60 -11.49 23.93 -22.05
CA ILE A 60 -11.25 24.23 -23.50
C ILE A 60 -11.29 25.76 -23.70
N TYR A 61 -12.12 26.47 -22.94
CA TYR A 61 -12.19 27.95 -22.95
C TYR A 61 -10.81 28.53 -22.62
N ILE A 62 -10.15 27.95 -21.61
CA ILE A 62 -8.85 28.43 -21.07
C ILE A 62 -7.72 28.02 -22.03
N ASP A 63 -7.85 26.87 -22.70
CA ASP A 63 -6.81 26.37 -23.64
C ASP A 63 -6.86 27.20 -24.93
N THR A 64 -8.06 27.56 -25.39
CA THR A 64 -8.29 28.39 -26.62
C THR A 64 -7.92 29.85 -26.35
N TYR A 65 -8.52 30.45 -25.30
CA TYR A 65 -8.26 31.84 -24.83
C TYR A 65 -7.36 31.83 -23.59
N LYS A 66 -6.05 31.93 -23.80
CA LYS A 66 -5.01 31.82 -22.73
C LYS A 66 -4.78 33.19 -22.06
N LYS A 67 -5.31 34.29 -22.64
CA LYS A 67 -5.14 35.67 -22.11
C LYS A 67 -6.48 36.28 -21.65
N SER A 68 -7.61 35.57 -21.81
CA SER A 68 -8.96 36.05 -21.39
C SER A 68 -8.93 36.43 -19.90
N GLY A 69 -9.85 37.30 -19.49
CA GLY A 69 -9.97 37.80 -18.12
C GLY A 69 -10.92 36.96 -17.28
N ARG A 70 -11.64 36.02 -17.91
CA ARG A 70 -12.60 35.13 -17.20
C ARG A 70 -11.85 33.95 -16.57
N ASN A 71 -10.67 33.62 -17.08
CA ASN A 71 -9.89 32.42 -16.67
C ASN A 71 -9.77 32.40 -15.14
N LYS A 72 -9.38 33.52 -14.53
CA LYS A 72 -9.13 33.62 -13.06
C LYS A 72 -10.44 33.40 -12.28
N ALA A 73 -11.59 33.72 -12.87
CA ALA A 73 -12.94 33.54 -12.27
C ALA A 73 -13.42 32.09 -12.47
N LEU A 74 -13.11 31.50 -13.63
CA LEU A 74 -13.55 30.13 -14.03
C LEU A 74 -12.79 29.06 -13.24
N LYS A 75 -11.48 29.27 -12.99
CA LYS A 75 -10.63 28.43 -12.13
C LYS A 75 -11.24 28.33 -10.73
N LYS A 76 -11.71 29.45 -10.16
CA LYS A 76 -12.37 29.47 -8.83
C LYS A 76 -13.74 28.79 -8.93
N PHE A 77 -14.40 28.87 -10.10
CA PHE A 77 -15.65 28.12 -10.39
C PHE A 77 -15.36 26.62 -10.35
N LYS A 78 -14.28 26.19 -10.99
CA LYS A 78 -13.80 24.78 -11.01
C LYS A 78 -13.71 24.23 -9.58
N GLU A 79 -13.11 24.98 -8.66
CA GLU A 79 -12.94 24.58 -7.23
C GLU A 79 -14.32 24.37 -6.57
N TYR A 80 -15.34 25.14 -6.96
CA TYR A 80 -16.74 24.93 -6.50
C TYR A 80 -17.26 23.58 -7.01
N LEU A 81 -16.96 23.23 -8.28
CA LEU A 81 -17.35 21.93 -8.87
C LEU A 81 -16.89 20.79 -7.96
N VAL A 82 -15.59 20.73 -7.65
CA VAL A 82 -14.99 19.64 -6.83
C VAL A 82 -15.70 19.61 -5.46
N THR A 83 -16.09 20.76 -4.91
CA THR A 83 -16.84 20.87 -3.63
C THR A 83 -18.21 20.19 -3.78
N GLU A 84 -18.87 20.35 -4.93
CA GLU A 84 -20.24 19.84 -5.19
C GLU A 84 -20.20 18.30 -5.28
N VAL A 85 -19.10 17.74 -5.80
CA VAL A 85 -18.86 16.27 -5.84
C VAL A 85 -19.04 15.73 -4.42
N LEU A 86 -18.42 16.38 -3.43
CA LEU A 86 -18.49 15.98 -1.99
C LEU A 86 -19.92 16.19 -1.46
N GLU A 87 -20.60 17.25 -1.91
CA GLU A 87 -22.05 17.48 -1.61
C GLU A 87 -22.88 16.34 -2.19
N LEU A 88 -22.64 15.96 -3.46
CA LEU A 88 -23.25 14.78 -4.13
C LEU A 88 -23.01 13.53 -3.28
N LYS A 89 -21.74 13.31 -2.89
CA LYS A 89 -21.26 12.09 -2.20
C LYS A 89 -21.91 11.94 -0.83
N ASN A 90 -22.31 13.04 -0.16
CA ASN A 90 -22.66 13.02 1.28
C ASN A 90 -24.18 13.00 1.49
N ASN A 91 -24.98 13.55 0.57
CA ASN A 91 -26.43 13.81 0.80
C ASN A 91 -27.27 12.67 0.22
N ASN A 92 -27.25 12.48 -1.09
CA ASN A 92 -28.03 11.43 -1.79
C ASN A 92 -27.27 10.11 -1.66
N LEU A 93 -27.73 9.23 -0.76
CA LEU A 93 -27.10 7.92 -0.46
C LEU A 93 -27.98 6.77 -0.98
N THR A 94 -27.37 5.58 -1.08
CA THR A 94 -27.97 4.29 -1.51
C THR A 94 -27.61 3.21 -0.48
N PRO A 95 -28.53 2.29 -0.13
CA PRO A 95 -28.17 1.17 0.75
C PRO A 95 -27.18 0.23 0.05
N VAL A 96 -26.19 -0.26 0.81
CA VAL A 96 -25.14 -1.19 0.27
C VAL A 96 -25.66 -2.62 0.37
N GLU A 97 -25.62 -3.34 -0.76
CA GLU A 97 -26.04 -4.76 -0.91
C GLU A 97 -25.40 -5.58 0.21
N LYS A 98 -26.19 -6.37 0.95
CA LYS A 98 -25.68 -7.10 2.14
C LYS A 98 -24.91 -8.34 1.71
N ASN A 99 -23.73 -8.11 1.12
CA ASN A 99 -22.71 -9.13 0.73
C ASN A 99 -21.39 -8.82 1.44
N LEU A 100 -20.84 -9.79 2.18
CA LEU A 100 -19.43 -9.77 2.68
C LEU A 100 -18.56 -10.62 1.74
N HIS A 101 -17.62 -10.00 1.03
CA HIS A 101 -16.70 -10.68 0.08
C HIS A 101 -15.34 -10.91 0.75
N PHE A 102 -14.90 -12.16 0.79
CA PHE A 102 -13.52 -12.58 1.09
C PHE A 102 -12.90 -13.22 -0.16
N VAL A 103 -11.57 -13.29 -0.19
CA VAL A 103 -10.78 -13.93 -1.29
C VAL A 103 -9.67 -14.78 -0.67
N TRP A 104 -9.72 -16.09 -0.90
CA TRP A 104 -8.56 -16.96 -0.68
C TRP A 104 -8.32 -17.87 -1.90
N ILE A 105 -7.28 -17.55 -2.67
CA ILE A 105 -6.86 -18.31 -3.88
C ILE A 105 -5.43 -18.84 -3.71
N GLY A 106 -5.07 -19.85 -4.50
CA GLY A 106 -3.68 -20.36 -4.62
C GLY A 106 -3.46 -21.65 -3.86
N GLY A 107 -4.32 -21.96 -2.90
CA GLY A 107 -4.13 -23.13 -2.02
C GLY A 107 -5.28 -23.32 -1.07
N GLN A 108 -5.13 -24.24 -0.14
CA GLN A 108 -6.20 -24.60 0.81
C GLN A 108 -6.33 -23.48 1.83
N ILE A 109 -7.57 -23.01 2.05
CA ILE A 109 -7.87 -22.04 3.13
C ILE A 109 -7.58 -22.73 4.46
N ASN A 110 -6.82 -22.08 5.34
CA ASN A 110 -6.43 -22.61 6.68
C ASN A 110 -7.52 -22.24 7.68
N ASP A 111 -7.49 -22.84 8.87
CA ASP A 111 -8.58 -22.77 9.88
C ASP A 111 -8.61 -21.37 10.51
N THR A 112 -7.45 -20.71 10.61
CA THR A 112 -7.33 -19.30 11.06
C THR A 112 -8.18 -18.39 10.15
N ALA A 113 -8.16 -18.58 8.83
CA ALA A 113 -8.91 -17.71 7.89
C ALA A 113 -10.41 -17.93 8.08
N ILE A 114 -10.81 -19.18 8.33
CA ILE A 114 -12.23 -19.61 8.51
C ILE A 114 -12.72 -19.09 9.86
N ASN A 115 -11.99 -19.38 10.93
CA ASN A 115 -12.28 -18.87 12.30
C ASN A 115 -12.56 -17.37 12.22
N TYR A 116 -11.69 -16.60 11.54
CA TYR A 116 -11.85 -15.12 11.40
C TYR A 116 -13.14 -14.80 10.65
N ILE A 117 -13.35 -15.44 9.49
CA ILE A 117 -14.58 -15.25 8.67
C ILE A 117 -15.82 -15.58 9.51
N ASN A 118 -15.78 -16.64 10.31
CA ASN A 118 -16.97 -17.07 11.11
C ASN A 118 -17.38 -15.95 12.07
N GLN A 119 -16.42 -15.23 12.66
CA GLN A 119 -16.69 -14.06 13.53
C GLN A 119 -17.53 -13.01 12.77
N TRP A 120 -17.42 -12.95 11.45
CA TRP A 120 -18.23 -12.04 10.60
C TRP A 120 -19.60 -12.65 10.34
N LYS A 121 -19.69 -13.98 10.22
CA LYS A 121 -20.95 -14.73 9.98
C LYS A 121 -21.85 -14.64 11.22
N ASP A 122 -21.28 -14.92 12.40
CA ASP A 122 -21.99 -15.10 13.69
C ASP A 122 -22.69 -13.80 14.14
N VAL A 123 -22.27 -12.62 13.67
CA VAL A 123 -22.81 -11.30 14.12
C VAL A 123 -23.36 -10.49 12.93
N ASN A 124 -23.58 -11.11 11.77
CA ASN A 124 -24.09 -10.42 10.55
C ASN A 124 -25.02 -11.38 9.80
N SER A 125 -25.95 -12.01 10.53
CA SER A 125 -26.94 -13.01 10.07
C SER A 125 -27.65 -12.56 8.78
N ASP A 126 -27.80 -11.25 8.58
CA ASP A 126 -28.49 -10.65 7.40
C ASP A 126 -27.56 -10.59 6.20
N TYR A 127 -26.26 -10.87 6.39
CA TYR A 127 -25.22 -10.72 5.34
C TYR A 127 -24.98 -12.07 4.65
N ASN A 128 -25.13 -12.05 3.32
CA ASN A 128 -24.62 -13.08 2.38
C ASN A 128 -23.08 -13.05 2.42
N VAL A 129 -22.44 -14.14 2.85
CA VAL A 129 -20.95 -14.29 2.88
C VAL A 129 -20.50 -15.00 1.58
N ASN A 130 -19.50 -14.43 0.90
CA ASN A 130 -18.88 -14.96 -0.33
C ASN A 130 -17.37 -15.12 -0.10
N VAL A 131 -16.86 -16.35 -0.09
CA VAL A 131 -15.39 -16.59 0.01
C VAL A 131 -14.89 -17.06 -1.35
N PHE A 132 -14.25 -16.17 -2.10
CA PHE A 132 -13.79 -16.41 -3.49
C PHE A 132 -12.56 -17.31 -3.46
N TYR A 133 -12.61 -18.38 -4.24
CA TYR A 133 -11.50 -19.31 -4.55
C TYR A 133 -11.48 -19.49 -6.07
N ASP A 134 -10.41 -20.12 -6.56
CA ASP A 134 -10.18 -20.41 -8.00
C ASP A 134 -9.90 -21.91 -8.12
N SER A 135 -10.92 -22.66 -8.55
CA SER A 135 -10.98 -24.15 -8.54
C SER A 135 -9.87 -24.77 -9.37
N ASN A 136 -9.26 -23.98 -10.27
CA ASN A 136 -8.24 -24.44 -11.26
C ASN A 136 -6.81 -24.16 -10.75
N ALA A 137 -6.65 -23.63 -9.53
CA ALA A 137 -5.39 -22.96 -9.09
C ALA A 137 -5.09 -23.26 -7.62
N PHE A 138 -5.50 -24.41 -7.13
CA PHE A 138 -5.29 -24.84 -5.73
C PHE A 138 -3.82 -25.21 -5.47
N LEU A 139 -2.95 -25.25 -6.49
CA LEU A 139 -1.56 -25.78 -6.34
C LEU A 139 -0.50 -24.70 -6.53
N ILE A 140 -0.89 -23.42 -6.68
CA ILE A 140 0.06 -22.28 -6.85
C ILE A 140 0.92 -22.13 -5.59
N ASN A 141 0.31 -22.14 -4.42
CA ASN A 141 1.06 -21.99 -3.15
C ASN A 141 2.04 -23.17 -3.00
N THR A 142 1.64 -24.39 -3.37
CA THR A 142 2.48 -25.62 -3.25
C THR A 142 3.65 -25.49 -4.22
N LEU A 143 3.39 -25.06 -5.46
CA LEU A 143 4.42 -24.81 -6.49
C LEU A 143 5.45 -23.82 -5.95
N LYS A 144 4.98 -22.68 -5.45
CA LYS A 144 5.85 -21.59 -4.93
C LYS A 144 6.69 -22.13 -3.78
N LYS A 145 6.08 -22.91 -2.89
CA LYS A 145 6.73 -23.46 -1.66
C LYS A 145 7.88 -24.37 -2.11
N THR A 146 7.63 -25.20 -3.12
CA THR A 146 8.57 -26.21 -3.67
C THR A 146 9.76 -25.50 -4.32
N VAL A 147 9.49 -24.47 -5.12
CA VAL A 147 10.50 -23.73 -5.93
C VAL A 147 11.37 -22.87 -5.02
N VAL A 148 10.77 -22.22 -4.02
CA VAL A 148 11.49 -21.33 -3.08
C VAL A 148 12.36 -22.19 -2.15
N GLU A 149 11.86 -23.35 -1.71
CA GLU A 149 12.63 -24.26 -0.81
C GLU A 149 13.85 -24.78 -1.57
N SER A 150 13.61 -25.31 -2.77
CA SER A 150 14.65 -25.76 -3.73
C SER A 150 15.73 -24.67 -3.88
N ALA A 151 15.32 -23.41 -4.00
CA ALA A 151 16.19 -22.24 -4.19
C ALA A 151 16.95 -21.91 -2.90
N ILE A 152 16.37 -22.17 -1.74
CA ILE A 152 17.05 -21.91 -0.43
C ILE A 152 18.24 -22.86 -0.27
N ASN A 153 18.05 -24.16 -0.56
CA ASN A 153 19.09 -25.20 -0.42
C ASN A 153 20.15 -25.01 -1.50
N ASP A 154 19.75 -24.81 -2.76
CA ASP A 154 20.68 -24.50 -3.87
C ASP A 154 21.56 -23.30 -3.50
N THR A 155 20.97 -22.29 -2.83
CA THR A 155 21.70 -21.06 -2.40
C THR A 155 22.69 -21.42 -1.29
N LEU A 156 22.29 -22.31 -0.38
CA LEU A 156 23.10 -22.74 0.79
C LEU A 156 24.20 -23.71 0.36
N GLU A 157 24.06 -24.42 -0.76
CA GLU A 157 25.12 -25.29 -1.34
C GLU A 157 26.33 -24.43 -1.74
N SER A 158 26.08 -23.21 -2.23
CA SER A 158 27.10 -22.19 -2.61
C SER A 158 27.65 -21.47 -1.37
N PHE A 159 27.13 -21.78 -0.17
CA PHE A 159 27.55 -21.17 1.13
C PHE A 159 28.41 -22.15 1.93
N ARG A 160 28.15 -23.46 1.81
CA ARG A 160 28.89 -24.53 2.54
C ARG A 160 30.33 -24.58 2.01
N GLU A 161 30.51 -24.49 0.68
CA GLU A 161 31.84 -24.43 0.00
C GLU A 161 32.68 -23.31 0.62
N ASN A 162 32.04 -22.19 0.99
CA ASN A 162 32.70 -20.97 1.53
C ASN A 162 32.70 -21.01 3.07
N LEU A 163 33.27 -19.97 3.69
CA LEU A 163 33.45 -19.84 5.16
C LEU A 163 32.25 -19.09 5.77
N ASN A 164 32.36 -18.73 7.05
CA ASN A 164 31.29 -18.14 7.90
C ASN A 164 30.75 -16.88 7.22
N ASP A 165 31.61 -15.88 7.00
CA ASP A 165 31.23 -14.60 6.36
C ASP A 165 32.49 -13.88 5.90
N PRO A 166 33.06 -14.23 4.72
CA PRO A 166 34.04 -13.37 4.06
C PRO A 166 33.29 -12.06 3.77
N ARG A 167 32.25 -12.17 2.94
CA ARG A 167 31.27 -11.10 2.57
C ARG A 167 29.91 -11.77 2.30
N PHE A 168 29.57 -12.82 3.07
CA PHE A 168 28.42 -13.73 2.85
C PHE A 168 27.33 -13.45 3.89
N ASP A 169 26.83 -12.21 3.87
CA ASP A 169 25.73 -11.71 4.75
C ASP A 169 24.38 -12.17 4.19
N TYR A 170 23.31 -11.89 4.93
CA TYR A 170 21.90 -12.15 4.51
C TYR A 170 21.57 -11.39 3.22
N ASN A 171 22.28 -10.29 2.95
CA ASN A 171 22.05 -9.43 1.75
C ASN A 171 22.46 -10.22 0.50
N LYS A 172 23.63 -10.86 0.52
CA LYS A 172 24.13 -11.73 -0.59
C LYS A 172 23.22 -12.95 -0.74
N PHE A 173 22.68 -13.47 0.38
CA PHE A 173 21.84 -14.69 0.41
C PHE A 173 20.55 -14.50 -0.40
N PHE A 174 19.84 -13.38 -0.21
CA PHE A 174 18.54 -13.12 -0.85
C PHE A 174 18.77 -12.70 -2.31
N ARG A 175 19.91 -12.07 -2.59
CA ARG A 175 20.34 -11.74 -3.97
C ARG A 175 20.54 -13.04 -4.74
N LYS A 176 21.36 -13.97 -4.23
CA LYS A 176 21.65 -15.25 -4.92
C LYS A 176 20.35 -16.05 -5.01
N ARG A 177 19.57 -16.08 -3.93
CA ARG A 177 18.30 -16.85 -3.91
C ARG A 177 17.36 -16.31 -5.01
N MET A 178 17.37 -14.99 -5.22
CA MET A 178 16.48 -14.30 -6.20
C MET A 178 16.81 -14.76 -7.62
N GLU A 179 18.11 -14.92 -7.94
CA GLU A 179 18.61 -15.35 -9.27
C GLU A 179 18.14 -16.78 -9.55
N ILE A 180 18.11 -17.64 -8.53
CA ILE A 180 17.78 -19.10 -8.66
C ILE A 180 16.25 -19.26 -8.74
N ILE A 181 15.50 -18.47 -7.97
CA ILE A 181 13.99 -18.43 -8.02
C ILE A 181 13.56 -17.98 -9.42
N TYR A 182 14.25 -17.01 -10.03
CA TYR A 182 13.85 -16.44 -11.35
C TYR A 182 14.10 -17.44 -12.48
N ASP A 183 15.16 -18.26 -12.39
CA ASP A 183 15.45 -19.35 -13.36
C ASP A 183 14.34 -20.40 -13.28
N LYS A 184 14.02 -20.85 -12.05
CA LYS A 184 12.97 -21.87 -11.78
C LYS A 184 11.61 -21.33 -12.24
N GLN A 185 11.30 -20.07 -11.92
CA GLN A 185 9.99 -19.41 -12.20
C GLN A 185 9.81 -19.23 -13.71
N LYS A 186 10.87 -18.80 -14.40
CA LYS A 186 10.90 -18.65 -15.87
C LYS A 186 10.72 -20.03 -16.53
N ASN A 187 11.36 -21.07 -15.99
CA ASN A 187 11.25 -22.47 -16.45
C ASN A 187 9.77 -22.90 -16.40
N PHE A 188 9.08 -22.62 -15.29
CA PHE A 188 7.64 -22.97 -15.13
C PHE A 188 6.77 -22.20 -16.13
N ILE A 189 7.04 -20.90 -16.34
CA ILE A 189 6.25 -20.04 -17.27
C ILE A 189 6.39 -20.62 -18.68
N ASN A 190 7.62 -20.96 -19.07
CA ASN A 190 7.99 -21.53 -20.39
C ASN A 190 7.26 -22.85 -20.60
N TYR A 191 7.22 -23.68 -19.56
CA TYR A 191 6.46 -24.96 -19.54
C TYR A 191 4.95 -24.69 -19.60
N TYR A 192 4.47 -23.69 -18.85
CA TYR A 192 3.03 -23.31 -18.81
C TYR A 192 2.58 -22.85 -20.21
N LYS A 193 3.41 -22.07 -20.91
CA LYS A 193 3.06 -21.48 -22.23
C LYS A 193 3.08 -22.57 -23.31
N ALA A 194 4.08 -23.45 -23.29
CA ALA A 194 4.23 -24.60 -24.21
C ALA A 194 2.99 -25.51 -24.11
N GLN A 195 2.51 -25.79 -22.90
CA GLN A 195 1.39 -26.75 -22.66
C GLN A 195 0.06 -26.16 -23.15
N ARG A 196 -0.09 -24.82 -23.15
CA ARG A 196 -1.35 -24.13 -23.54
C ARG A 196 -1.34 -23.76 -25.03
N GLU A 197 -0.17 -23.85 -25.68
CA GLU A 197 -0.05 -23.79 -27.17
C GLU A 197 -0.40 -25.18 -27.73
N GLU A 198 -0.04 -26.25 -27.00
CA GLU A 198 -0.34 -27.66 -27.37
C GLU A 198 -1.86 -27.90 -27.30
N ASN A 199 -2.51 -27.57 -26.18
CA ASN A 199 -3.97 -27.71 -25.94
C ASN A 199 -4.40 -26.75 -24.84
N PRO A 200 -5.00 -25.59 -25.20
CA PRO A 200 -5.27 -24.53 -24.22
C PRO A 200 -6.48 -24.76 -23.29
N GLU A 201 -7.09 -25.95 -23.35
CA GLU A 201 -8.25 -26.32 -22.48
C GLU A 201 -7.73 -26.82 -21.13
N LEU A 202 -6.49 -27.31 -21.07
CA LEU A 202 -5.77 -27.73 -19.83
C LEU A 202 -5.93 -26.66 -18.75
N ILE A 203 -6.40 -27.05 -17.55
CA ILE A 203 -6.52 -26.11 -16.40
C ILE A 203 -5.13 -25.91 -15.80
N ILE A 204 -4.98 -24.89 -14.96
CA ILE A 204 -3.66 -24.43 -14.40
C ILE A 204 -3.08 -25.55 -13.52
N ASP A 205 -3.86 -26.09 -12.58
CA ASP A 205 -3.42 -27.15 -11.63
C ASP A 205 -2.95 -28.41 -12.38
N ASP A 206 -3.55 -28.74 -13.53
CA ASP A 206 -3.12 -29.88 -14.37
C ASP A 206 -1.69 -29.66 -14.85
N ILE A 207 -1.35 -28.42 -15.23
CA ILE A 207 0.01 -28.08 -15.73
C ILE A 207 0.99 -28.04 -14.55
N VAL A 208 0.53 -27.55 -13.38
CA VAL A 208 1.40 -27.38 -12.17
C VAL A 208 1.86 -28.77 -11.72
N LYS A 209 0.96 -29.75 -11.64
CA LYS A 209 1.29 -31.05 -11.01
C LYS A 209 2.14 -31.92 -11.95
N THR A 210 1.92 -31.88 -13.27
CA THR A 210 2.88 -32.47 -14.24
C THR A 210 4.25 -31.80 -14.03
N TYR A 211 4.33 -30.47 -13.99
CA TYR A 211 5.62 -29.75 -13.77
C TYR A 211 6.23 -30.19 -12.44
N LEU A 212 5.44 -30.31 -11.37
CA LEU A 212 5.93 -30.73 -10.03
C LEU A 212 6.41 -32.18 -10.05
N SER A 213 5.66 -33.07 -10.70
CA SER A 213 6.00 -34.51 -10.89
C SER A 213 7.29 -34.65 -11.70
N ASN A 214 7.47 -33.82 -12.73
CA ASN A 214 8.59 -33.92 -13.70
C ASN A 214 9.87 -33.32 -13.12
N GLU A 215 9.79 -32.23 -12.35
CA GLU A 215 10.99 -31.47 -11.90
C GLU A 215 11.34 -31.81 -10.44
N TYR A 216 10.37 -32.17 -9.60
CA TYR A 216 10.56 -32.38 -8.14
C TYR A 216 10.03 -33.77 -7.71
N SER A 217 9.69 -34.64 -8.67
CA SER A 217 9.24 -36.05 -8.46
C SER A 217 8.07 -36.11 -7.47
N LYS A 218 7.19 -35.10 -7.48
CA LYS A 218 6.00 -35.01 -6.60
C LYS A 218 4.97 -36.08 -7.00
N GLU A 219 4.45 -36.80 -5.99
CA GLU A 219 3.41 -37.83 -6.19
C GLU A 219 2.09 -37.11 -6.53
N ILE A 220 1.60 -37.32 -7.74
CA ILE A 220 0.39 -36.62 -8.29
C ILE A 220 -0.85 -37.08 -7.51
N ASP A 221 -0.82 -38.27 -6.94
CA ASP A 221 -1.94 -38.79 -6.12
C ASP A 221 -2.11 -37.90 -4.89
N GLU A 222 -1.02 -37.53 -4.23
CA GLU A 222 -1.05 -36.68 -2.99
C GLU A 222 -1.52 -35.26 -3.32
N LEU A 223 -1.28 -34.79 -4.55
CA LEU A 223 -1.67 -33.42 -5.00
C LEU A 223 -3.15 -33.39 -5.40
N ASN A 224 -3.68 -34.47 -6.01
CA ASN A 224 -5.12 -34.59 -6.35
C ASN A 224 -5.96 -34.69 -5.06
N THR A 225 -5.36 -35.22 -3.98
CA THR A 225 -6.04 -35.38 -2.66
C THR A 225 -6.04 -34.02 -1.95
N TYR A 226 -4.94 -33.28 -2.06
CA TYR A 226 -4.85 -31.87 -1.60
C TYR A 226 -5.93 -31.05 -2.30
N ILE A 227 -6.03 -31.18 -3.63
CA ILE A 227 -7.05 -30.43 -4.43
C ILE A 227 -8.43 -30.79 -3.90
N GLU A 228 -8.75 -32.08 -3.83
CA GLU A 228 -10.10 -32.60 -3.44
C GLU A 228 -10.42 -32.14 -2.01
N GLU A 229 -9.43 -32.14 -1.12
CA GLU A 229 -9.57 -31.68 0.29
C GLU A 229 -9.82 -30.15 0.33
N SER A 230 -9.17 -29.39 -0.56
CA SER A 230 -9.26 -27.91 -0.61
C SER A 230 -10.62 -27.49 -1.18
N LEU A 231 -11.10 -28.18 -2.22
CA LEU A 231 -12.43 -27.97 -2.83
C LEU A 231 -13.53 -28.35 -1.82
N ASN A 232 -13.38 -29.48 -1.12
CA ASN A 232 -14.31 -29.96 -0.07
C ASN A 232 -14.44 -28.88 1.02
N LYS A 233 -13.32 -28.30 1.45
CA LYS A 233 -13.26 -27.42 2.65
C LYS A 233 -13.89 -26.06 2.34
N ILE A 234 -13.65 -25.52 1.15
CA ILE A 234 -14.12 -24.15 0.78
C ILE A 234 -15.62 -24.18 0.43
N THR A 235 -16.12 -25.30 -0.12
CA THR A 235 -17.54 -25.49 -0.52
C THR A 235 -18.44 -25.71 0.72
N GLN A 236 -17.84 -25.93 1.90
CA GLN A 236 -18.59 -25.97 3.19
C GLN A 236 -18.39 -24.65 3.92
N ASN A 237 -17.74 -23.67 3.29
CA ASN A 237 -17.36 -22.37 3.93
C ASN A 237 -17.64 -21.23 2.93
N SER A 238 -18.79 -21.27 2.25
CA SER A 238 -19.38 -20.17 1.46
C SER A 238 -18.57 -19.90 0.19
N GLY A 239 -17.84 -20.89 -0.30
CA GLY A 239 -16.96 -20.76 -1.48
C GLY A 239 -17.71 -20.26 -2.70
N ASN A 240 -17.07 -19.39 -3.49
CA ASN A 240 -17.53 -18.95 -4.84
C ASN A 240 -16.36 -19.08 -5.80
N ASP A 241 -16.45 -19.97 -6.79
CA ASP A 241 -15.34 -20.19 -7.76
C ASP A 241 -15.25 -18.95 -8.65
N VAL A 242 -14.03 -18.47 -8.89
CA VAL A 242 -13.73 -17.37 -9.84
C VAL A 242 -14.15 -17.81 -11.25
N ARG A 243 -14.01 -19.09 -11.56
CA ARG A 243 -14.21 -19.63 -12.93
C ARG A 243 -15.68 -19.52 -13.33
N ASN A 244 -16.60 -19.59 -12.35
CA ASN A 244 -18.06 -19.40 -12.53
C ASN A 244 -18.44 -17.93 -12.33
N PHE A 245 -17.47 -17.04 -12.12
CA PHE A 245 -17.66 -15.56 -12.08
C PHE A 245 -17.36 -15.01 -13.49
N GLU A 246 -18.35 -15.10 -14.38
CA GLU A 246 -18.21 -14.97 -15.85
C GLU A 246 -17.81 -13.54 -16.22
N GLU A 247 -18.36 -12.54 -15.54
CA GLU A 247 -18.14 -11.10 -15.83
C GLU A 247 -16.67 -10.75 -15.61
N PHE A 248 -16.06 -11.28 -14.53
CA PHE A 248 -14.61 -11.17 -14.27
C PHE A 248 -13.87 -11.89 -15.41
N LYS A 249 -14.20 -13.15 -15.66
CA LYS A 249 -13.48 -14.02 -16.64
C LYS A 249 -13.47 -13.35 -18.02
N ASN A 250 -14.59 -12.74 -18.42
CA ASN A 250 -14.76 -12.08 -19.74
C ASN A 250 -14.17 -10.68 -19.72
N GLY A 251 -13.99 -10.10 -18.53
CA GLY A 251 -13.39 -8.77 -18.30
C GLY A 251 -11.98 -8.63 -18.86
N GLU A 252 -11.48 -7.40 -18.92
CA GLU A 252 -10.16 -7.06 -19.53
C GLU A 252 -9.02 -7.22 -18.50
N SER A 253 -9.33 -7.31 -17.19
CA SER A 253 -8.34 -7.44 -16.10
C SER A 253 -8.15 -8.91 -15.66
N PHE A 254 -8.74 -9.88 -16.37
CA PHE A 254 -8.62 -11.32 -16.05
C PHE A 254 -7.23 -11.82 -16.48
N ASN A 255 -6.74 -11.35 -17.62
CA ASN A 255 -5.37 -11.66 -18.12
C ASN A 255 -4.36 -11.16 -17.08
N LEU A 256 -4.68 -10.06 -16.39
CA LEU A 256 -3.85 -9.45 -15.31
C LEU A 256 -3.93 -10.35 -14.07
N TYR A 257 -5.14 -10.79 -13.72
CA TYR A 257 -5.38 -11.75 -12.62
C TYR A 257 -4.49 -13.00 -12.81
N GLU A 258 -4.52 -13.60 -13.99
CA GLU A 258 -3.79 -14.88 -14.28
C GLU A 258 -2.29 -14.61 -14.35
N GLN A 259 -1.88 -13.39 -14.72
CA GLN A 259 -0.46 -12.98 -14.75
C GLN A 259 0.14 -13.24 -13.36
N GLU A 260 -0.49 -12.71 -12.33
CA GLU A 260 0.02 -12.78 -10.93
C GLU A 260 -0.18 -14.21 -10.41
N LEU A 261 -1.34 -14.81 -10.69
CA LEU A 261 -1.69 -16.17 -10.19
C LEU A 261 -0.65 -17.18 -10.71
N VAL A 262 -0.43 -17.20 -12.03
CA VAL A 262 0.36 -18.26 -12.73
C VAL A 262 1.83 -17.83 -12.88
N GLU A 263 2.09 -16.61 -13.37
CA GLU A 263 3.47 -16.21 -13.79
C GLU A 263 4.32 -15.76 -12.58
N ARG A 264 3.74 -15.03 -11.62
CA ARG A 264 4.45 -14.32 -10.53
C ARG A 264 4.20 -14.99 -9.18
N TRP A 265 3.15 -15.81 -9.08
CA TRP A 265 2.71 -16.51 -7.85
C TRP A 265 2.47 -15.50 -6.73
N ASN A 266 2.03 -14.29 -7.10
CA ASN A 266 1.61 -13.20 -6.18
C ASN A 266 0.08 -13.24 -6.07
N LEU A 267 -0.42 -13.79 -4.98
CA LEU A 267 -1.85 -14.03 -4.75
C LEU A 267 -2.46 -12.80 -4.09
N ALA A 268 -1.65 -12.01 -3.37
CA ALA A 268 -2.06 -10.71 -2.80
C ALA A 268 -2.49 -9.80 -3.96
N ALA A 269 -1.70 -9.77 -5.04
CA ALA A 269 -1.95 -8.98 -6.28
C ALA A 269 -3.17 -9.54 -7.03
N ALA A 270 -3.22 -10.86 -7.20
CA ALA A 270 -4.36 -11.55 -7.85
C ALA A 270 -5.64 -11.23 -7.06
N SER A 271 -5.56 -11.22 -5.73
CA SER A 271 -6.68 -10.91 -4.80
C SER A 271 -7.05 -9.44 -4.89
N ASP A 272 -6.08 -8.57 -5.15
CA ASP A 272 -6.27 -7.10 -5.33
C ASP A 272 -7.16 -6.85 -6.56
N ILE A 273 -6.93 -7.60 -7.64
CA ILE A 273 -7.62 -7.40 -8.97
C ILE A 273 -9.05 -7.94 -8.86
N LEU A 274 -9.21 -9.06 -8.18
CA LEU A 274 -10.51 -9.79 -8.10
C LEU A 274 -11.47 -9.04 -7.18
N ARG A 275 -10.99 -8.56 -6.02
CA ARG A 275 -11.84 -7.93 -4.98
C ARG A 275 -12.62 -6.75 -5.59
N ILE A 276 -11.99 -5.87 -6.36
CA ILE A 276 -12.63 -4.62 -6.87
C ILE A 276 -13.72 -4.97 -7.90
N SER A 277 -13.49 -5.95 -8.78
CA SER A 277 -14.47 -6.43 -9.79
C SER A 277 -15.68 -7.09 -9.11
N ALA A 278 -15.49 -7.70 -7.93
CA ALA A 278 -16.58 -8.33 -7.16
C ALA A 278 -17.49 -7.25 -6.55
N LEU A 279 -16.94 -6.10 -6.16
CA LEU A 279 -17.73 -4.92 -5.74
C LEU A 279 -18.44 -4.32 -6.95
N LYS A 280 -17.71 -4.06 -8.04
CA LYS A 280 -18.27 -3.45 -9.28
C LYS A 280 -19.52 -4.21 -9.74
N GLU A 281 -19.57 -5.54 -9.55
CA GLU A 281 -20.55 -6.42 -10.24
C GLU A 281 -21.59 -6.97 -9.26
N ILE A 282 -21.27 -7.06 -7.97
CA ILE A 282 -22.18 -7.67 -6.95
C ILE A 282 -22.51 -6.63 -5.87
N GLY A 283 -21.56 -5.72 -5.58
CA GLY A 283 -21.68 -4.72 -4.50
C GLY A 283 -21.60 -5.34 -3.11
N GLY A 284 -21.23 -4.53 -2.11
CA GLY A 284 -21.18 -4.93 -0.68
C GLY A 284 -19.91 -4.43 0.00
N MET A 285 -19.45 -5.15 1.02
CA MET A 285 -18.21 -4.84 1.75
C MET A 285 -17.20 -5.98 1.56
N TYR A 286 -16.02 -5.68 0.96
CA TYR A 286 -14.88 -6.62 0.87
C TYR A 286 -14.05 -6.53 2.16
N LEU A 287 -13.50 -7.66 2.58
CA LEU A 287 -12.68 -7.77 3.82
C LEU A 287 -11.53 -8.75 3.57
N ASP A 288 -10.37 -8.45 4.15
CA ASP A 288 -9.20 -9.37 4.13
C ASP A 288 -9.40 -10.37 5.27
N VAL A 289 -9.07 -11.64 5.02
CA VAL A 289 -9.31 -12.79 5.95
C VAL A 289 -8.55 -12.59 7.27
N ASP A 290 -7.75 -11.52 7.41
CA ASP A 290 -7.02 -11.18 8.67
C ASP A 290 -7.75 -10.07 9.45
N MET A 291 -8.84 -9.53 8.90
CA MET A 291 -9.67 -8.48 9.55
C MET A 291 -10.80 -9.13 10.35
N LEU A 292 -11.04 -8.66 11.58
CA LEU A 292 -12.12 -9.13 12.48
C LEU A 292 -13.21 -8.07 12.51
N PRO A 293 -14.43 -8.38 13.02
CA PRO A 293 -15.45 -7.35 13.24
C PRO A 293 -15.00 -6.31 14.27
N GLY A 294 -15.64 -5.12 14.24
CA GLY A 294 -15.40 -4.02 15.20
C GLY A 294 -15.90 -4.39 16.58
N ILE A 295 -15.17 -4.03 17.63
CA ILE A 295 -15.57 -4.23 19.05
C ILE A 295 -16.64 -3.17 19.38
N GLN A 296 -17.55 -3.50 20.31
CA GLN A 296 -18.69 -2.61 20.70
C GLN A 296 -18.13 -1.35 21.34
N PRO A 297 -18.56 -0.14 20.89
CA PRO A 297 -17.99 1.12 21.39
C PRO A 297 -17.82 1.17 22.91
N ASP A 298 -18.91 1.12 23.68
CA ASP A 298 -18.86 1.06 25.16
C ASP A 298 -18.65 -0.40 25.57
N LEU A 299 -17.38 -0.80 25.56
CA LEU A 299 -16.86 -2.08 26.11
C LEU A 299 -15.38 -1.84 26.38
N PHE A 300 -14.88 -2.26 27.55
CA PHE A 300 -13.46 -2.08 27.97
C PHE A 300 -13.16 -0.58 28.19
N GLU A 301 -14.10 0.31 27.84
CA GLU A 301 -14.05 1.76 28.17
C GLU A 301 -14.58 1.92 29.61
N SER A 302 -14.13 1.03 30.49
CA SER A 302 -14.27 1.05 31.96
C SER A 302 -12.88 0.83 32.57
N ILE A 303 -12.10 -0.08 31.97
CA ILE A 303 -10.65 -0.28 32.25
C ILE A 303 -9.91 0.95 31.72
N GLU A 304 -9.23 1.68 32.61
CA GLU A 304 -8.35 2.84 32.28
C GLU A 304 -7.13 2.29 31.54
N LYS A 305 -6.74 2.89 30.41
CA LYS A 305 -5.56 2.46 29.62
C LYS A 305 -4.29 2.96 30.29
N PRO A 306 -3.37 2.07 30.72
CA PRO A 306 -2.13 2.49 31.37
C PRO A 306 -1.31 3.45 30.49
N SER A 307 -0.51 4.31 31.12
CA SER A 307 0.34 5.32 30.44
C SER A 307 1.50 4.63 29.73
N SER A 308 1.94 3.46 30.23
CA SER A 308 3.17 2.73 29.79
C SER A 308 2.90 1.81 28.59
N VAL A 309 1.72 1.91 27.96
CA VAL A 309 1.35 1.06 26.78
C VAL A 309 0.87 1.97 25.64
N THR A 310 1.32 1.68 24.42
CA THR A 310 0.89 2.38 23.17
C THR A 310 -0.63 2.25 23.05
N VAL A 311 -1.24 3.11 22.23
CA VAL A 311 -2.66 2.97 21.80
C VAL A 311 -2.78 1.66 21.00
N ASP A 312 -1.89 1.46 20.02
CA ASP A 312 -1.89 0.30 19.10
C ASP A 312 -1.66 -0.98 19.90
N PHE A 313 -0.86 -0.91 20.98
CA PHE A 313 -0.66 -2.02 21.94
C PHE A 313 -2.01 -2.35 22.59
N TRP A 314 -2.72 -1.32 23.06
CA TRP A 314 -4.05 -1.43 23.72
C TRP A 314 -5.06 -2.11 22.79
N GLU A 315 -5.10 -1.70 21.51
CA GLU A 315 -6.07 -2.20 20.49
C GLU A 315 -5.86 -3.70 20.22
N MET A 316 -4.60 -4.16 20.19
CA MET A 316 -4.25 -5.59 20.07
C MET A 316 -4.70 -6.34 21.34
N THR A 317 -4.38 -5.76 22.51
CA THR A 317 -4.66 -6.37 23.84
C THR A 317 -6.15 -6.70 23.95
N LYS A 318 -7.01 -5.78 23.51
CA LYS A 318 -8.49 -5.95 23.51
C LYS A 318 -8.84 -7.31 22.90
N LEU A 319 -8.57 -7.51 21.60
CA LEU A 319 -8.91 -8.76 20.88
C LEU A 319 -8.33 -9.96 21.64
N GLU A 320 -7.05 -9.89 22.03
CA GLU A 320 -6.37 -10.98 22.78
C GLU A 320 -7.24 -11.39 23.99
N ALA A 321 -7.64 -10.40 24.80
CA ALA A 321 -8.48 -10.58 26.01
C ALA A 321 -9.78 -11.29 25.62
N ILE A 322 -10.53 -10.73 24.66
CA ILE A 322 -11.80 -11.32 24.15
C ILE A 322 -11.58 -12.82 23.91
N MET A 323 -10.60 -13.17 23.09
CA MET A 323 -10.35 -14.57 22.64
C MET A 323 -9.86 -15.42 23.82
N LYS A 324 -9.10 -14.85 24.77
CA LYS A 324 -8.53 -15.61 25.91
C LYS A 324 -9.65 -16.17 26.79
N TYR A 325 -10.65 -15.34 27.10
CA TYR A 325 -11.73 -15.60 28.08
C TYR A 325 -13.02 -16.08 27.40
N LYS A 326 -13.23 -15.75 26.12
CA LYS A 326 -14.47 -16.16 25.36
C LYS A 326 -14.12 -17.14 24.23
N GLU A 327 -12.84 -17.38 23.96
CA GLU A 327 -12.30 -18.51 23.13
C GLU A 327 -12.99 -18.65 21.76
N TYR A 328 -13.51 -17.56 21.19
CA TYR A 328 -14.25 -17.59 19.90
C TYR A 328 -13.29 -18.08 18.78
N ILE A 329 -12.01 -17.73 18.91
CA ILE A 329 -10.91 -18.18 17.99
C ILE A 329 -9.87 -18.92 18.81
N PRO A 330 -9.67 -20.24 18.57
CA PRO A 330 -8.61 -20.98 19.25
C PRO A 330 -7.22 -20.60 18.71
N GLU A 331 -6.19 -20.80 19.53
CA GLU A 331 -4.75 -20.60 19.20
C GLU A 331 -4.43 -19.11 19.00
N TYR A 332 -5.38 -18.22 19.29
CA TYR A 332 -5.17 -16.75 19.25
C TYR A 332 -4.13 -16.38 20.32
N THR A 333 -3.22 -15.47 19.96
CA THR A 333 -2.07 -15.04 20.79
C THR A 333 -2.59 -14.33 22.04
N SER A 334 -1.77 -14.30 23.09
CA SER A 334 -2.09 -13.71 24.41
C SER A 334 -0.90 -12.88 24.91
N GLU A 335 0.10 -12.65 24.05
CA GLU A 335 1.46 -12.18 24.46
C GLU A 335 1.39 -10.72 24.94
N HIS A 336 0.52 -9.89 24.35
CA HIS A 336 0.32 -8.47 24.75
C HIS A 336 -0.51 -8.41 26.05
N PHE A 337 -1.54 -9.26 26.15
CA PHE A 337 -2.38 -9.41 27.36
C PHE A 337 -1.53 -9.87 28.53
N ASP A 338 -0.69 -10.89 28.33
CA ASP A 338 0.17 -11.51 29.39
C ASP A 338 1.24 -10.52 29.89
N MET A 339 1.38 -9.35 29.26
CA MET A 339 2.43 -8.34 29.61
C MET A 339 1.84 -7.21 30.46
N LEU A 340 0.54 -7.23 30.76
CA LEU A 340 -0.11 -6.24 31.66
C LEU A 340 -0.01 -6.73 33.11
N ASP A 341 -0.35 -5.86 34.06
CA ASP A 341 -0.40 -6.19 35.52
C ASP A 341 -1.61 -7.09 35.78
N GLU A 342 -1.54 -7.91 36.83
CA GLU A 342 -2.60 -8.91 37.18
C GLU A 342 -3.93 -8.16 37.40
N GLU A 343 -3.90 -6.99 38.05
CA GLU A 343 -5.13 -6.23 38.42
C GLU A 343 -5.86 -5.76 37.16
N VAL A 344 -5.16 -5.22 36.16
CA VAL A 344 -5.78 -4.72 34.89
C VAL A 344 -6.20 -5.93 34.04
N GLN A 345 -5.51 -7.06 34.16
CA GLN A 345 -5.87 -8.35 33.50
C GLN A 345 -7.19 -8.87 34.06
N SER A 346 -7.36 -8.90 35.39
CA SER A 346 -8.61 -9.33 36.07
C SER A 346 -9.75 -8.34 35.79
N SER A 347 -9.43 -7.06 35.52
CA SER A 347 -10.40 -6.02 35.08
C SER A 347 -11.07 -6.49 33.79
N PHE A 348 -10.28 -7.08 32.86
CA PHE A 348 -10.74 -7.63 31.56
C PHE A 348 -11.58 -8.89 31.82
N GLU A 349 -11.16 -9.69 32.81
CA GLU A 349 -11.81 -10.98 33.20
C GLU A 349 -13.19 -10.70 33.80
N SER A 350 -13.34 -9.59 34.53
CA SER A 350 -14.62 -9.12 35.14
C SER A 350 -15.58 -8.67 34.04
N VAL A 351 -15.15 -7.75 33.18
CA VAL A 351 -16.00 -7.08 32.15
C VAL A 351 -16.52 -8.11 31.15
N LEU A 352 -15.70 -9.13 30.82
CA LEU A 352 -16.03 -10.15 29.79
C LEU A 352 -16.96 -11.22 30.38
N ALA A 353 -16.71 -11.64 31.62
CA ALA A 353 -17.61 -12.51 32.40
C ALA A 353 -19.05 -11.97 32.38
N SER A 354 -19.20 -10.64 32.39
CA SER A 354 -20.51 -9.92 32.46
C SER A 354 -21.30 -10.03 31.15
N LYS A 355 -20.72 -10.60 30.08
CA LYS A 355 -21.36 -10.65 28.75
C LYS A 355 -21.63 -12.12 28.37
N SER A 356 -22.75 -12.38 27.67
CA SER A 356 -23.26 -13.73 27.34
C SER A 356 -23.23 -13.97 25.83
N ASP A 357 -23.77 -13.02 25.04
CA ASP A 357 -23.90 -13.08 23.56
C ASP A 357 -22.70 -12.39 22.91
N LYS A 358 -22.36 -12.77 21.67
CA LYS A 358 -21.25 -12.15 20.88
C LYS A 358 -21.70 -10.82 20.28
N SER A 359 -23.02 -10.56 20.23
CA SER A 359 -23.58 -9.23 19.88
C SER A 359 -23.12 -8.21 20.93
N GLU A 360 -22.96 -8.65 22.18
CA GLU A 360 -22.48 -7.82 23.32
C GLU A 360 -20.95 -7.69 23.31
N ILE A 361 -20.25 -8.18 22.28
CA ILE A 361 -18.76 -8.13 22.17
C ILE A 361 -18.34 -7.50 20.83
N PHE A 362 -18.86 -8.00 19.71
CA PHE A 362 -18.58 -7.45 18.35
C PHE A 362 -19.80 -6.67 17.85
N SER A 363 -19.62 -5.43 17.40
CA SER A 363 -20.63 -4.64 16.65
C SER A 363 -21.10 -5.48 15.46
N SER A 364 -22.34 -5.28 15.06
CA SER A 364 -22.92 -5.80 13.79
C SER A 364 -22.81 -4.69 12.75
N LEU A 365 -22.75 -5.04 11.47
CA LEU A 365 -22.71 -4.06 10.35
C LEU A 365 -24.07 -3.38 10.23
N GLY A 366 -25.16 -4.16 10.24
CA GLY A 366 -26.53 -3.66 10.07
C GLY A 366 -26.72 -3.03 8.69
N ASP A 367 -27.75 -2.19 8.57
CA ASP A 367 -28.07 -1.44 7.32
C ASP A 367 -26.99 -0.38 7.13
N MET A 368 -26.20 -0.48 6.07
CA MET A 368 -25.11 0.48 5.73
C MET A 368 -25.48 1.19 4.43
N GLU A 369 -25.23 2.49 4.40
CA GLU A 369 -25.53 3.37 3.25
C GLU A 369 -24.19 3.93 2.75
N ALA A 370 -24.16 4.37 1.49
CA ALA A 370 -22.97 4.90 0.79
C ALA A 370 -23.40 5.49 -0.55
N SER A 371 -22.52 6.27 -1.20
CA SER A 371 -22.81 6.99 -2.46
C SER A 371 -22.47 6.15 -3.69
N PRO A 372 -23.37 6.12 -4.69
CA PRO A 372 -23.09 5.48 -5.98
C PRO A 372 -21.82 5.96 -6.70
N LEU A 373 -21.19 7.03 -6.23
CA LEU A 373 -19.95 7.56 -6.86
C LEU A 373 -18.71 6.95 -6.19
N GLU A 374 -18.81 6.62 -4.89
CA GLU A 374 -17.63 6.33 -4.03
C GLU A 374 -17.43 4.83 -3.86
N VAL A 375 -16.15 4.45 -3.64
CA VAL A 375 -15.72 3.21 -2.93
C VAL A 375 -15.05 3.66 -1.64
N LYS A 376 -15.63 3.32 -0.48
CA LYS A 376 -15.05 3.61 0.85
C LYS A 376 -13.92 2.61 1.15
N ILE A 377 -12.88 3.07 1.83
CA ILE A 377 -11.62 2.31 2.07
C ILE A 377 -11.26 2.44 3.55
N ALA A 378 -10.51 1.49 4.08
CA ALA A 378 -10.00 1.54 5.47
C ALA A 378 -8.74 2.42 5.51
N PHE A 379 -8.49 2.97 6.68
CA PHE A 379 -7.33 3.85 6.99
C PHE A 379 -6.49 3.13 8.04
N ASN A 380 -5.16 3.24 7.93
CA ASN A 380 -4.20 2.64 8.89
C ASN A 380 -2.97 3.54 8.88
N SER A 381 -2.55 4.00 10.07
CA SER A 381 -1.40 4.92 10.28
C SER A 381 -1.46 6.10 9.28
N LYS A 382 -2.63 6.73 9.15
CA LYS A 382 -2.89 7.96 8.34
C LYS A 382 -2.80 7.67 6.84
N GLY A 383 -2.90 6.40 6.46
CA GLY A 383 -2.78 5.95 5.06
C GLY A 383 -3.91 5.02 4.70
N ILE A 384 -4.39 5.09 3.45
CA ILE A 384 -5.43 4.16 2.93
C ILE A 384 -4.81 2.78 2.70
N ILE A 385 -5.61 1.74 2.89
CA ILE A 385 -5.24 0.31 2.65
C ILE A 385 -6.52 -0.46 2.31
N ASN A 386 -6.51 -1.23 1.22
CA ASN A 386 -7.72 -1.89 0.64
C ASN A 386 -8.07 -3.18 1.40
N GLN A 387 -7.70 -3.28 2.69
CA GLN A 387 -7.97 -4.47 3.56
C GLN A 387 -9.40 -4.36 4.10
N GLY A 388 -10.04 -3.21 3.88
CA GLY A 388 -11.48 -2.98 4.09
C GLY A 388 -12.04 -2.08 2.99
N LEU A 389 -13.01 -2.58 2.22
CA LEU A 389 -13.72 -1.79 1.18
C LEU A 389 -15.24 -1.94 1.37
N ILE A 390 -15.96 -0.82 1.25
CA ILE A 390 -17.44 -0.78 1.11
C ILE A 390 -17.72 -0.04 -0.19
N SER A 391 -18.50 -0.63 -1.09
CA SER A 391 -18.92 -0.01 -2.36
C SER A 391 -20.34 -0.43 -2.69
N VAL A 392 -21.13 0.50 -3.19
CA VAL A 392 -22.46 0.24 -3.81
C VAL A 392 -22.21 -0.50 -5.13
N LYS A 393 -23.08 -1.46 -5.45
CA LYS A 393 -23.01 -2.23 -6.72
C LYS A 393 -22.90 -1.23 -7.87
N ASP A 394 -21.98 -1.49 -8.81
CA ASP A 394 -21.69 -0.67 -10.01
C ASP A 394 -21.46 0.81 -9.63
N SER A 395 -20.70 1.09 -8.55
CA SER A 395 -20.31 2.46 -8.15
C SER A 395 -19.35 3.06 -9.19
N TYR A 396 -19.38 4.38 -9.38
CA TYR A 396 -18.58 5.07 -10.45
C TYR A 396 -17.09 4.85 -10.15
N SER A 397 -16.69 5.01 -8.87
CA SER A 397 -15.29 4.87 -8.38
C SER A 397 -14.79 3.44 -8.62
N SER A 398 -15.61 2.42 -8.36
CA SER A 398 -15.29 0.97 -8.56
C SER A 398 -14.79 0.73 -10.00
N ASN A 399 -15.43 1.34 -11.00
CA ASN A 399 -15.00 1.23 -12.41
C ASN A 399 -13.69 2.01 -12.57
N LEU A 400 -13.54 3.14 -11.88
CA LEU A 400 -12.35 4.05 -11.98
C LEU A 400 -11.11 3.36 -11.43
N ILE A 401 -11.25 2.56 -10.37
CA ILE A 401 -10.16 1.76 -9.75
C ILE A 401 -9.71 0.67 -10.73
N VAL A 402 -10.65 -0.12 -11.25
CA VAL A 402 -10.39 -1.18 -12.26
C VAL A 402 -9.56 -0.60 -13.41
N LYS A 403 -9.98 0.53 -13.99
CA LYS A 403 -9.27 1.14 -15.16
C LYS A 403 -7.90 1.64 -14.71
N GLN A 404 -7.80 2.07 -13.44
CA GLN A 404 -6.55 2.57 -12.84
C GLN A 404 -5.56 1.40 -12.76
N ILE A 405 -6.00 0.25 -12.22
CA ILE A 405 -5.19 -1.01 -12.13
C ILE A 405 -4.81 -1.47 -13.56
N GLU A 406 -5.78 -1.44 -14.48
CA GLU A 406 -5.59 -1.87 -15.89
C GLU A 406 -4.52 -0.98 -16.54
N ASN A 407 -4.55 0.32 -16.25
CA ASN A 407 -3.63 1.30 -16.90
C ASN A 407 -2.21 1.02 -16.43
N ARG A 408 -2.03 0.81 -15.13
CA ARG A 408 -0.69 0.58 -14.50
C ARG A 408 -0.09 -0.73 -15.05
N TYR A 409 -0.90 -1.79 -15.15
CA TYR A 409 -0.49 -3.09 -15.78
C TYR A 409 -0.08 -2.87 -17.23
N LYS A 410 -0.71 -1.94 -17.95
CA LYS A 410 -0.38 -1.64 -19.37
C LYS A 410 1.05 -1.10 -19.42
N ILE A 411 1.39 -0.16 -18.53
CA ILE A 411 2.73 0.49 -18.48
C ILE A 411 3.77 -0.59 -18.15
N LEU A 412 3.51 -1.39 -17.10
CA LEU A 412 4.40 -2.48 -16.62
C LEU A 412 4.71 -3.43 -17.77
N ASN A 413 3.68 -4.12 -18.26
CA ASN A 413 3.82 -5.18 -19.30
C ASN A 413 4.50 -4.57 -20.54
N ASN A 414 4.14 -3.34 -20.91
CA ASN A 414 4.82 -2.60 -22.01
C ASN A 414 6.34 -2.77 -21.87
N SER A 415 6.91 -2.52 -20.68
CA SER A 415 8.37 -2.48 -20.42
C SER A 415 8.92 -3.88 -20.05
N LEU A 416 8.11 -4.71 -19.38
CA LEU A 416 8.53 -6.04 -18.85
C LEU A 416 8.55 -7.08 -19.97
N ASN A 417 7.52 -7.12 -20.83
CA ASN A 417 7.28 -8.25 -21.76
C ASN A 417 8.44 -8.38 -22.74
N PRO A 418 8.93 -7.29 -23.36
CA PRO A 418 10.14 -7.38 -24.20
C PRO A 418 11.36 -8.01 -23.52
N ALA A 419 11.55 -7.78 -22.22
CA ALA A 419 12.75 -8.20 -21.45
C ALA A 419 12.68 -9.70 -21.13
N ILE A 420 11.50 -10.19 -20.71
CA ILE A 420 11.28 -11.62 -20.32
C ILE A 420 11.21 -12.49 -21.58
N SER A 421 10.92 -11.89 -22.75
CA SER A 421 10.84 -12.58 -24.06
C SER A 421 12.23 -13.08 -24.50
N GLU A 422 13.31 -12.59 -23.89
CA GLU A 422 14.71 -12.84 -24.35
C GLU A 422 15.36 -13.97 -23.55
N ASP A 423 14.65 -14.60 -22.60
CA ASP A 423 15.14 -15.77 -21.83
C ASP A 423 16.59 -15.54 -21.37
N ASN A 424 16.82 -14.54 -20.52
CA ASN A 424 18.13 -14.32 -19.85
C ASN A 424 17.95 -14.50 -18.34
N ASP A 425 19.07 -14.61 -17.61
CA ASP A 425 19.09 -14.75 -16.12
C ASP A 425 18.52 -13.47 -15.47
N PHE A 426 18.22 -13.53 -14.17
CA PHE A 426 17.50 -12.49 -13.42
C PHE A 426 18.17 -11.13 -13.63
N ASN A 427 19.49 -11.07 -13.44
CA ASN A 427 20.28 -9.81 -13.41
C ASN A 427 20.18 -9.12 -14.77
N THR A 428 20.35 -9.86 -15.87
CA THR A 428 20.23 -9.33 -17.25
C THR A 428 18.80 -8.84 -17.50
N THR A 429 17.81 -9.67 -17.18
CA THR A 429 16.37 -9.39 -17.42
C THR A 429 15.95 -8.15 -16.62
N THR A 430 16.47 -8.01 -15.39
CA THR A 430 16.21 -6.82 -14.54
C THR A 430 16.70 -5.59 -15.33
N ASN A 431 17.97 -5.65 -15.75
CA ASN A 431 18.71 -4.52 -16.36
C ASN A 431 18.00 -4.08 -17.65
N THR A 432 17.59 -5.02 -18.50
CA THR A 432 16.81 -4.75 -19.73
C THR A 432 15.49 -4.06 -19.35
N PHE A 433 14.78 -4.62 -18.35
CA PHE A 433 13.48 -4.13 -17.83
C PHE A 433 13.65 -2.67 -17.35
N ILE A 434 14.67 -2.41 -16.51
CA ILE A 434 14.91 -1.07 -15.92
C ILE A 434 15.25 -0.08 -17.05
N ASP A 435 16.07 -0.48 -18.03
CA ASP A 435 16.44 0.33 -19.24
C ASP A 435 15.15 0.87 -19.88
N SER A 436 14.14 0.02 -20.06
CA SER A 436 12.84 0.37 -20.67
C SER A 436 12.06 1.29 -19.73
N ILE A 437 12.11 1.03 -18.43
CA ILE A 437 11.38 1.84 -17.39
C ILE A 437 11.91 3.28 -17.43
N MET A 438 13.23 3.45 -17.46
CA MET A 438 13.86 4.78 -17.42
C MET A 438 13.51 5.58 -18.68
N ALA A 439 13.36 4.90 -19.82
CA ALA A 439 13.01 5.49 -21.12
C ALA A 439 11.59 6.10 -21.06
N GLU A 440 10.67 5.44 -20.37
CA GLU A 440 9.24 5.84 -20.28
C GLU A 440 9.00 6.64 -18.99
N ALA A 441 10.04 6.86 -18.19
CA ALA A 441 9.95 7.56 -16.89
C ALA A 441 10.06 9.08 -17.10
N ASN A 442 9.15 9.84 -16.48
CA ASN A 442 9.23 11.32 -16.39
C ASN A 442 9.11 11.69 -14.91
N ALA A 443 8.87 12.97 -14.61
CA ALA A 443 8.77 13.53 -13.23
C ALA A 443 7.39 13.25 -12.64
N ASP A 444 6.38 13.00 -13.48
CA ASP A 444 4.98 12.79 -13.04
C ASP A 444 4.76 11.34 -12.58
N ASN A 445 5.39 10.36 -13.25
CA ASN A 445 5.24 8.92 -12.93
C ASN A 445 6.53 8.36 -12.30
N GLY A 446 7.58 9.17 -12.19
CA GLY A 446 8.93 8.71 -11.77
C GLY A 446 8.87 7.82 -10.56
N ARG A 447 8.16 8.26 -9.51
CA ARG A 447 8.04 7.59 -8.19
C ARG A 447 7.32 6.24 -8.35
N PHE A 448 6.29 6.20 -9.19
CA PHE A 448 5.56 4.96 -9.54
C PHE A 448 6.51 4.03 -10.30
N MET A 449 7.22 4.56 -11.31
CA MET A 449 8.19 3.79 -12.13
C MET A 449 9.31 3.26 -11.21
N MET A 450 9.83 4.12 -10.33
CA MET A 450 10.83 3.74 -9.28
C MET A 450 10.42 2.41 -8.63
N GLU A 451 9.12 2.20 -8.41
CA GLU A 451 8.59 1.03 -7.67
C GLU A 451 8.37 -0.14 -8.62
N LEU A 452 8.01 0.11 -9.88
CA LEU A 452 7.76 -0.94 -10.91
C LEU A 452 9.03 -1.76 -11.15
N GLY A 453 10.20 -1.12 -11.18
CA GLY A 453 11.48 -1.78 -11.48
C GLY A 453 11.82 -2.89 -10.49
N LYS A 454 11.05 -3.07 -9.40
CA LYS A 454 11.27 -4.14 -8.41
C LYS A 454 10.29 -5.30 -8.63
N TYR A 455 9.47 -5.23 -9.69
CA TYR A 455 8.25 -6.07 -9.87
C TYR A 455 8.60 -7.56 -9.80
N LEU A 456 9.75 -7.96 -10.35
CA LEU A 456 10.20 -9.38 -10.39
C LEU A 456 10.54 -9.86 -8.97
N ARG A 457 10.86 -8.94 -8.04
CA ARG A 457 11.34 -9.25 -6.67
C ARG A 457 10.14 -9.53 -5.74
N VAL A 458 8.92 -9.21 -6.16
CA VAL A 458 7.74 -9.16 -5.24
C VAL A 458 7.47 -10.55 -4.66
N GLY A 459 7.65 -10.70 -3.35
CA GLY A 459 7.29 -11.90 -2.56
C GLY A 459 8.46 -12.84 -2.39
N PHE A 460 9.67 -12.43 -2.80
CA PHE A 460 10.90 -13.27 -2.75
C PHE A 460 12.09 -12.46 -2.22
N PHE A 461 11.94 -11.14 -2.09
CA PHE A 461 13.01 -10.22 -1.66
C PHE A 461 12.47 -9.36 -0.51
N PRO A 462 13.30 -8.95 0.47
CA PRO A 462 12.83 -8.09 1.55
C PRO A 462 12.52 -6.66 1.07
N ASP A 463 11.55 -6.02 1.73
CA ASP A 463 11.17 -4.59 1.56
C ASP A 463 10.86 -4.24 0.09
N VAL A 464 10.03 -5.05 -0.60
CA VAL A 464 9.56 -4.76 -1.99
C VAL A 464 8.02 -4.71 -1.97
N LYS A 465 7.43 -3.55 -2.27
CA LYS A 465 5.98 -3.33 -2.06
C LYS A 465 5.31 -2.81 -3.34
N THR A 466 5.84 -3.20 -4.50
CA THR A 466 5.35 -2.79 -5.85
C THR A 466 3.83 -3.02 -5.96
N THR A 467 3.31 -4.09 -5.36
CA THR A 467 1.87 -4.49 -5.46
C THR A 467 0.99 -3.31 -5.00
N ILE A 468 1.41 -2.59 -3.96
CA ILE A 468 0.68 -1.38 -3.43
C ILE A 468 0.49 -0.38 -4.57
N ASN A 469 1.48 -0.20 -5.44
CA ASN A 469 1.53 0.90 -6.44
C ASN A 469 0.87 0.44 -7.74
N LEU A 470 0.71 -0.87 -7.91
CA LEU A 470 0.24 -1.48 -9.17
C LEU A 470 -1.26 -1.79 -9.08
N SER A 471 -1.66 -2.60 -8.09
CA SER A 471 -3.01 -3.19 -7.97
C SER A 471 -3.66 -2.79 -6.65
N GLY A 472 -2.91 -2.11 -5.78
CA GLY A 472 -3.27 -1.88 -4.36
C GLY A 472 -3.65 -0.43 -4.10
N PRO A 473 -3.51 0.02 -2.84
CA PRO A 473 -4.10 1.29 -2.38
C PRO A 473 -3.75 2.54 -3.20
N GLU A 474 -2.57 2.57 -3.83
CA GLU A 474 -2.16 3.72 -4.67
C GLU A 474 -3.21 3.93 -5.77
N ALA A 475 -3.70 2.85 -6.38
CA ALA A 475 -4.65 2.90 -7.51
C ALA A 475 -6.01 3.41 -7.01
N TYR A 476 -6.31 3.22 -5.72
CA TYR A 476 -7.57 3.69 -5.07
C TYR A 476 -7.50 5.21 -4.86
N ALA A 477 -6.35 5.73 -4.43
CA ALA A 477 -6.09 7.18 -4.27
C ALA A 477 -6.13 7.86 -5.64
N ALA A 478 -5.42 7.31 -6.63
CA ALA A 478 -5.42 7.80 -8.04
C ALA A 478 -6.84 7.79 -8.63
N ALA A 479 -7.71 6.89 -8.18
CA ALA A 479 -9.12 6.80 -8.64
C ALA A 479 -9.89 7.95 -7.98
N TYR A 480 -9.76 8.11 -6.67
CA TYR A 480 -10.39 9.19 -5.89
C TYR A 480 -9.99 10.54 -6.49
N GLN A 481 -8.73 10.68 -6.90
CA GLN A 481 -8.23 11.90 -7.58
C GLN A 481 -8.95 12.02 -8.92
N ASP A 482 -9.05 10.92 -9.69
CA ASP A 482 -9.79 10.88 -10.98
C ASP A 482 -11.22 11.40 -10.78
N LEU A 483 -11.90 10.96 -9.71
CA LEU A 483 -13.28 11.38 -9.37
C LEU A 483 -13.29 12.89 -9.14
N LEU A 484 -12.39 13.39 -8.28
CA LEU A 484 -12.38 14.80 -7.78
C LEU A 484 -11.85 15.75 -8.85
N MET A 485 -11.02 15.28 -9.79
CA MET A 485 -10.39 16.10 -10.86
C MET A 485 -11.03 15.81 -12.22
N PHE A 486 -12.23 15.22 -12.26
CA PHE A 486 -12.97 14.86 -13.50
C PHE A 486 -12.00 14.39 -14.59
N LYS A 487 -11.15 13.41 -14.22
CA LYS A 487 -10.04 12.89 -15.05
C LYS A 487 -10.23 11.38 -15.20
N GLU A 488 -9.47 10.77 -16.10
CA GLU A 488 -9.25 9.32 -16.18
C GLU A 488 -7.74 9.09 -16.24
N GLY A 489 -7.20 8.18 -15.42
CA GLY A 489 -5.79 7.76 -15.47
C GLY A 489 -4.85 8.78 -14.85
N SER A 490 -5.20 9.30 -13.67
CA SER A 490 -4.32 10.09 -12.78
C SER A 490 -3.11 9.22 -12.40
N MET A 491 -1.91 9.80 -12.37
CA MET A 491 -0.65 9.12 -11.95
C MET A 491 -0.03 9.85 -10.75
N ASN A 492 0.30 11.13 -10.91
CA ASN A 492 0.91 12.00 -9.86
C ASN A 492 -0.15 12.34 -8.81
N ILE A 493 -0.13 11.69 -7.64
CA ILE A 493 -1.16 11.91 -6.58
C ILE A 493 -0.82 13.22 -5.85
N HIS A 494 -1.69 14.23 -6.02
CA HIS A 494 -1.62 15.57 -5.38
C HIS A 494 -2.50 15.62 -4.13
N LEU A 495 -3.33 14.60 -3.89
CA LEU A 495 -4.25 14.52 -2.72
C LEU A 495 -3.45 14.25 -1.45
N ILE A 496 -3.91 14.78 -0.33
CA ILE A 496 -3.33 14.59 1.03
C ILE A 496 -4.30 13.72 1.84
N GLU A 497 -3.99 13.46 3.11
CA GLU A 497 -4.84 12.64 4.03
C GLU A 497 -6.27 13.19 4.05
N ALA A 498 -6.44 14.45 4.40
CA ALA A 498 -7.77 15.09 4.63
C ALA A 498 -8.64 14.97 3.38
N ASP A 499 -8.06 15.07 2.19
CA ASP A 499 -8.75 14.80 0.91
C ASP A 499 -9.32 13.37 0.98
N LEU A 500 -8.45 12.39 1.24
CA LEU A 500 -8.76 10.94 1.18
C LEU A 500 -9.68 10.52 2.34
N ARG A 501 -9.67 11.26 3.45
CA ARG A 501 -10.52 10.97 4.65
C ARG A 501 -12.00 11.04 4.26
N ASN A 502 -12.31 11.67 3.12
CA ASN A 502 -13.69 11.77 2.58
C ASN A 502 -14.27 10.36 2.43
N PHE A 503 -13.43 9.37 2.13
CA PHE A 503 -13.82 7.98 1.76
C PHE A 503 -13.43 6.97 2.85
N GLU A 504 -13.16 7.39 4.08
CA GLU A 504 -12.80 6.43 5.16
C GLU A 504 -14.04 5.61 5.52
N ILE A 505 -13.84 4.58 6.35
CA ILE A 505 -14.94 3.80 7.00
C ILE A 505 -14.74 3.90 8.51
N SER A 506 -15.83 3.91 9.29
CA SER A 506 -15.79 4.00 10.77
C SER A 506 -14.82 2.94 11.32
N LYS A 507 -13.91 3.34 12.23
CA LYS A 507 -12.97 2.41 12.90
C LYS A 507 -13.74 1.43 13.81
N THR A 508 -15.07 1.61 13.93
CA THR A 508 -15.98 0.75 14.72
C THR A 508 -16.59 -0.36 13.84
N ASN A 509 -16.39 -0.29 12.52
CA ASN A 509 -16.85 -1.32 11.54
C ASN A 509 -15.81 -2.43 11.35
N ILE A 510 -14.52 -2.17 11.58
CA ILE A 510 -13.42 -3.18 11.48
C ILE A 510 -12.50 -3.05 12.69
N SER A 511 -12.15 -4.16 13.32
CA SER A 511 -10.93 -4.32 14.15
C SER A 511 -9.76 -4.67 13.21
N GLN A 512 -8.77 -3.79 13.08
CA GLN A 512 -7.62 -3.93 12.14
C GLN A 512 -6.37 -4.45 12.87
N SER A 513 -6.30 -4.36 14.20
CA SER A 513 -5.11 -4.74 15.00
C SER A 513 -5.19 -6.22 15.39
N THR A 514 -5.44 -7.10 14.42
CA THR A 514 -5.59 -8.55 14.62
C THR A 514 -4.19 -9.19 14.71
N GLU A 515 -4.10 -10.47 15.05
CA GLU A 515 -2.84 -11.25 15.13
C GLU A 515 -2.30 -11.53 13.72
N GLN A 516 -3.17 -11.97 12.80
CA GLN A 516 -2.78 -12.41 11.43
C GLN A 516 -2.41 -11.22 10.55
N GLU A 517 -2.87 -10.01 10.87
CA GLU A 517 -2.56 -8.76 10.11
C GLU A 517 -1.09 -8.40 10.31
N MET A 518 -0.50 -8.75 11.45
CA MET A 518 0.91 -8.42 11.81
C MET A 518 1.88 -9.22 10.93
N ALA A 519 1.46 -10.39 10.44
CA ALA A 519 2.23 -11.27 9.52
C ALA A 519 1.70 -11.14 8.09
N SER A 520 2.37 -10.36 7.24
CA SER A 520 2.04 -10.19 5.80
C SER A 520 2.37 -11.48 5.03
N LEU A 521 1.47 -11.91 4.13
CA LEU A 521 1.60 -13.19 3.36
C LEU A 521 2.38 -12.97 2.04
N TRP A 522 2.66 -11.73 1.65
CA TRP A 522 3.31 -11.40 0.35
C TRP A 522 4.53 -10.50 0.52
N SER A 523 4.75 -9.93 1.70
CA SER A 523 5.86 -8.99 1.99
C SER A 523 6.54 -9.37 3.31
N PHE A 524 7.82 -9.04 3.43
CA PHE A 524 8.61 -9.15 4.68
C PHE A 524 9.68 -8.05 4.70
N ASP A 525 10.02 -7.58 5.90
CA ASP A 525 10.96 -6.46 6.13
C ASP A 525 12.39 -7.01 6.32
N ASP A 526 13.36 -6.11 6.46
CA ASP A 526 14.81 -6.41 6.63
C ASP A 526 14.98 -7.31 7.86
N ALA A 527 14.43 -6.92 9.01
CA ALA A 527 14.56 -7.64 10.30
C ALA A 527 14.13 -9.11 10.13
N ARG A 528 12.98 -9.36 9.49
CA ARG A 528 12.43 -10.73 9.30
C ARG A 528 13.25 -11.48 8.25
N ALA A 529 13.98 -10.77 7.39
CA ALA A 529 14.89 -11.39 6.40
C ALA A 529 16.13 -11.90 7.12
N LYS A 530 16.69 -11.11 8.04
CA LYS A 530 17.89 -11.48 8.84
C LYS A 530 17.61 -12.74 9.65
N ALA A 531 16.45 -12.79 10.32
CA ALA A 531 15.96 -13.98 11.08
C ALA A 531 15.99 -15.20 10.15
N GLN A 532 15.26 -15.16 9.02
CA GLN A 532 15.12 -16.30 8.06
C GLN A 532 16.50 -16.90 7.73
N PHE A 533 17.54 -16.07 7.68
CA PHE A 533 18.91 -16.47 7.25
C PHE A 533 19.44 -17.54 8.21
N GLU A 534 19.47 -17.24 9.51
CA GLU A 534 19.94 -18.16 10.58
C GLU A 534 18.98 -19.35 10.72
N GLU A 535 17.69 -19.15 10.41
CA GLU A 535 16.65 -20.23 10.44
C GLU A 535 16.94 -21.25 9.33
N TYR A 536 17.22 -20.78 8.10
CA TYR A 536 17.52 -21.62 6.91
C TYR A 536 18.85 -22.36 7.15
N LYS A 537 19.86 -21.66 7.66
CA LYS A 537 21.22 -22.20 7.98
C LYS A 537 21.12 -23.47 8.86
N ARG A 538 20.30 -23.41 9.92
CA ARG A 538 20.11 -24.50 10.92
C ARG A 538 19.21 -25.60 10.34
N ASN A 539 18.24 -25.22 9.51
CA ASN A 539 17.28 -26.17 8.85
C ASN A 539 18.03 -26.98 7.78
N TYR A 540 19.13 -26.45 7.23
CA TYR A 540 20.03 -27.13 6.25
C TYR A 540 21.07 -27.97 6.98
N PHE A 541 21.62 -27.48 8.11
CA PHE A 541 22.62 -28.18 8.95
C PHE A 541 21.98 -29.39 9.66
N GLU A 542 20.67 -29.37 9.92
CA GLU A 542 19.87 -30.52 10.45
C GLU A 542 19.34 -31.33 9.27
N GLY B 1 -2.50 24.09 1.63
CA GLY B 1 -1.43 24.92 0.97
C GLY B 1 -1.47 24.84 -0.55
N SER B 2 -1.52 25.99 -1.23
CA SER B 2 -1.46 26.08 -2.72
C SER B 2 -0.01 25.89 -3.21
N LYS B 3 0.98 26.04 -2.32
CA LYS B 3 2.43 25.83 -2.65
C LYS B 3 2.85 24.48 -2.03
N LEU B 4 3.52 23.62 -2.82
CA LEU B 4 3.91 22.22 -2.44
C LEU B 4 5.43 22.14 -2.30
N ILE B 5 5.93 21.66 -1.16
CA ILE B 5 7.39 21.46 -0.90
C ILE B 5 7.72 19.96 -0.96
N LYS B 6 8.42 19.54 -2.01
CA LYS B 6 8.88 18.14 -2.17
C LYS B 6 10.17 17.98 -1.35
N CYS B 7 10.09 17.23 -0.25
CA CYS B 7 11.26 16.75 0.52
C CYS B 7 11.41 15.23 0.32
N VAL B 8 12.58 14.76 -0.13
CA VAL B 8 12.88 13.33 -0.42
C VAL B 8 13.87 12.83 0.62
N VAL B 9 13.52 11.77 1.36
CA VAL B 9 14.37 11.20 2.44
C VAL B 9 15.22 10.09 1.82
N VAL B 10 16.54 10.24 1.92
CA VAL B 10 17.56 9.43 1.22
C VAL B 10 18.51 8.87 2.28
N GLY B 11 19.28 7.85 1.93
CA GLY B 11 20.25 7.25 2.87
C GLY B 11 20.20 5.74 2.82
N ASP B 12 21.12 5.10 3.54
CA ASP B 12 21.38 3.64 3.53
C ASP B 12 20.17 2.90 4.09
N GLY B 13 19.98 1.65 3.68
CA GLY B 13 19.04 0.71 4.31
C GLY B 13 19.30 0.63 5.81
N ALA B 14 18.23 0.50 6.60
CA ALA B 14 18.24 0.15 8.05
C ALA B 14 18.88 1.29 8.87
N VAL B 15 18.74 2.54 8.43
CA VAL B 15 19.23 3.74 9.17
C VAL B 15 18.05 4.40 9.90
N GLY B 16 16.81 4.03 9.57
CA GLY B 16 15.60 4.55 10.23
C GLY B 16 14.83 5.53 9.35
N LYS B 17 14.99 5.42 8.04
CA LYS B 17 14.32 6.31 7.05
C LYS B 17 12.79 6.15 7.18
N THR B 18 12.28 4.93 7.05
CA THR B 18 10.82 4.67 7.05
C THR B 18 10.23 5.11 8.40
N CYS B 19 10.76 4.60 9.50
CA CYS B 19 10.29 4.91 10.89
C CYS B 19 10.31 6.42 11.14
N LEU B 20 11.28 7.12 10.55
CA LEU B 20 11.38 8.60 10.63
C LEU B 20 10.05 9.23 10.21
N LEU B 21 9.56 8.88 9.01
CA LEU B 21 8.40 9.55 8.36
C LEU B 21 7.10 9.11 9.04
N ILE B 22 7.06 7.87 9.52
CA ILE B 22 5.87 7.30 10.22
C ILE B 22 5.75 8.04 11.56
N SER B 23 6.83 8.06 12.35
CA SER B 23 6.91 8.74 13.67
C SER B 23 6.49 10.22 13.54
N TYR B 24 7.01 10.91 12.52
CA TYR B 24 6.78 12.37 12.31
C TYR B 24 5.32 12.65 11.92
N THR B 25 4.74 11.85 11.02
CA THR B 25 3.41 12.15 10.41
C THR B 25 2.23 11.56 11.20
N THR B 26 2.49 10.59 12.09
CA THR B 26 1.46 9.84 12.87
C THR B 26 1.66 9.98 14.39
N ASN B 27 2.81 10.51 14.83
CA ASN B 27 3.19 10.66 16.27
C ASN B 27 3.23 9.29 16.96
N LYS B 28 3.49 8.22 16.20
CA LYS B 28 3.52 6.82 16.70
C LYS B 28 4.67 6.07 16.00
N PHE B 29 5.70 5.67 16.75
CA PHE B 29 6.74 4.74 16.24
C PHE B 29 6.09 3.42 15.85
N PRO B 30 6.41 2.86 14.66
CA PRO B 30 5.84 1.58 14.22
C PRO B 30 6.62 0.37 14.72
N SER B 31 6.80 0.23 16.04
CA SER B 31 7.55 -0.88 16.69
C SER B 31 6.86 -2.21 16.35
N GLU B 32 5.52 -2.22 16.38
CA GLU B 32 4.66 -3.42 16.18
C GLU B 32 4.88 -3.99 14.76
N TYR B 33 4.64 -3.18 13.73
CA TYR B 33 4.63 -3.56 12.28
C TYR B 33 4.31 -2.31 11.47
N VAL B 34 4.66 -2.35 10.19
CA VAL B 34 4.27 -1.30 9.18
C VAL B 34 3.19 -1.93 8.32
N PRO B 35 1.95 -1.39 8.37
CA PRO B 35 0.88 -1.85 7.46
C PRO B 35 1.15 -1.47 6.00
N ASN B 36 0.80 -2.37 5.08
CA ASN B 36 1.01 -2.21 3.62
C ASN B 36 0.00 -1.20 3.09
N VAL B 37 0.21 0.07 3.40
CA VAL B 37 -0.71 1.21 3.07
C VAL B 37 -0.08 2.02 1.92
N PHE B 38 -0.88 2.80 1.20
CA PHE B 38 -0.35 3.88 0.35
C PHE B 38 0.19 4.95 1.29
N ASP B 39 1.49 5.28 1.16
CA ASP B 39 2.24 6.09 2.16
C ASP B 39 1.62 7.47 2.28
N ASN B 40 1.78 8.29 1.23
CA ASN B 40 1.14 9.63 1.06
C ASN B 40 1.55 10.58 2.20
N TYR B 41 2.81 10.53 2.62
CA TYR B 41 3.34 11.40 3.71
C TYR B 41 3.27 12.86 3.26
N ALA B 42 2.26 13.58 3.75
CA ALA B 42 1.96 14.98 3.37
C ALA B 42 1.41 15.72 4.60
N VAL B 43 2.19 16.68 5.11
CA VAL B 43 1.83 17.57 6.26
C VAL B 43 1.52 18.96 5.70
N THR B 44 0.37 19.53 6.07
CA THR B 44 0.04 20.96 5.85
C THR B 44 0.66 21.77 7.00
N VAL B 45 1.39 22.83 6.67
CA VAL B 45 2.07 23.73 7.64
C VAL B 45 1.74 25.17 7.24
N MET B 46 1.38 26.01 8.22
CA MET B 46 1.21 27.47 8.03
C MET B 46 2.56 28.14 8.31
N ILE B 47 3.03 28.97 7.39
CA ILE B 47 4.33 29.68 7.53
C ILE B 47 4.16 31.10 7.01
N GLY B 48 4.41 32.10 7.88
CA GLY B 48 4.15 33.53 7.64
C GLY B 48 2.75 33.73 7.08
N GLY B 49 1.74 33.10 7.69
CA GLY B 49 0.32 33.16 7.28
C GLY B 49 0.08 32.68 5.86
N GLU B 50 0.94 31.81 5.34
CA GLU B 50 0.80 31.17 3.99
C GLU B 50 0.83 29.66 4.15
N PRO B 51 -0.18 28.94 3.60
CA PRO B 51 -0.25 27.49 3.75
C PRO B 51 0.71 26.84 2.75
N TYR B 52 1.38 25.78 3.21
CA TYR B 52 2.32 24.94 2.43
C TYR B 52 1.97 23.48 2.67
N THR B 53 1.95 22.69 1.60
CA THR B 53 1.93 21.21 1.66
C THR B 53 3.38 20.71 1.61
N LEU B 54 3.87 20.14 2.70
CA LEU B 54 5.19 19.46 2.75
C LEU B 54 5.02 18.00 2.30
N GLY B 55 5.51 17.66 1.10
CA GLY B 55 5.50 16.30 0.54
C GLY B 55 6.76 15.52 0.90
N LEU B 56 6.60 14.42 1.65
CA LEU B 56 7.72 13.51 2.05
C LEU B 56 7.67 12.23 1.23
N PHE B 57 8.81 11.84 0.66
CA PHE B 57 9.00 10.60 -0.14
C PHE B 57 10.11 9.74 0.48
N ASP B 58 9.76 8.51 0.84
CA ASP B 58 10.70 7.44 1.26
C ASP B 58 11.43 6.94 0.01
N THR B 59 12.62 6.35 0.19
CA THR B 59 13.49 5.77 -0.89
C THR B 59 14.08 4.44 -0.44
N ALA B 60 14.46 3.60 -1.41
CA ALA B 60 15.18 2.33 -1.19
C ALA B 60 16.69 2.56 -1.26
N GLY B 61 17.37 2.47 -0.12
CA GLY B 61 18.79 2.84 0.00
C GLY B 61 19.72 1.86 -0.71
N GLN B 62 19.29 0.62 -0.90
CA GLN B 62 20.17 -0.51 -1.32
C GLN B 62 20.72 -0.25 -2.73
N GLU B 63 21.92 -0.78 -3.00
CA GLU B 63 22.65 -0.72 -4.30
C GLU B 63 21.73 -1.21 -5.43
N ASP B 64 20.88 -2.21 -5.17
CA ASP B 64 20.04 -2.88 -6.20
C ASP B 64 19.14 -1.84 -6.88
N TYR B 65 18.86 -0.72 -6.21
CA TYR B 65 17.88 0.30 -6.68
C TYR B 65 18.60 1.61 -7.02
N ASP B 66 19.89 1.55 -7.34
CA ASP B 66 20.76 2.74 -7.58
C ASP B 66 20.34 3.47 -8.86
N ARG B 67 19.61 2.79 -9.75
CA ARG B 67 19.19 3.34 -11.06
C ARG B 67 17.70 3.71 -11.04
N LEU B 68 16.91 3.09 -10.17
CA LEU B 68 15.45 3.38 -10.01
C LEU B 68 15.23 4.57 -9.06
N ARG B 69 16.05 4.69 -8.02
CA ARG B 69 15.83 5.65 -6.90
C ARG B 69 15.77 7.07 -7.46
N PRO B 70 16.75 7.52 -8.29
CA PRO B 70 16.71 8.88 -8.82
C PRO B 70 15.50 9.22 -9.69
N LEU B 71 14.69 8.25 -10.10
CA LEU B 71 13.46 8.55 -10.89
C LEU B 71 12.52 9.43 -10.05
N SER B 72 12.63 9.39 -8.73
CA SER B 72 11.78 10.16 -7.78
C SER B 72 12.38 11.55 -7.47
N TYR B 73 13.63 11.81 -7.87
CA TYR B 73 14.38 13.03 -7.48
C TYR B 73 13.87 14.30 -8.17
N PRO B 74 13.40 14.30 -9.44
CA PRO B 74 12.93 15.54 -10.06
C PRO B 74 12.02 16.40 -9.19
N GLN B 75 12.10 17.73 -9.33
CA GLN B 75 11.22 18.73 -8.66
C GLN B 75 11.49 18.78 -7.16
N THR B 76 12.55 18.11 -6.67
CA THR B 76 12.87 18.04 -5.22
C THR B 76 13.37 19.41 -4.74
N ASP B 77 12.87 19.87 -3.59
CA ASP B 77 13.15 21.20 -3.02
C ASP B 77 14.14 21.09 -1.85
N VAL B 78 14.23 19.93 -1.22
CA VAL B 78 15.16 19.66 -0.08
C VAL B 78 15.35 18.15 0.08
N PHE B 79 16.57 17.73 0.38
CA PHE B 79 16.93 16.32 0.70
C PHE B 79 17.23 16.21 2.20
N LEU B 80 16.74 15.14 2.83
CA LEU B 80 17.27 14.64 4.12
C LEU B 80 18.23 13.49 3.81
N VAL B 81 19.54 13.76 3.82
CA VAL B 81 20.59 12.70 3.71
C VAL B 81 20.76 12.14 5.12
N CYS B 82 20.32 10.88 5.32
CA CYS B 82 20.17 10.23 6.64
C CYS B 82 21.28 9.19 6.86
N PHE B 83 21.72 9.09 8.11
CA PHE B 83 22.68 8.06 8.57
C PHE B 83 22.43 7.79 10.06
N SER B 84 22.53 6.50 10.43
CA SER B 84 22.47 6.02 11.83
C SER B 84 23.80 6.30 12.52
N VAL B 85 23.77 7.04 13.63
CA VAL B 85 24.99 7.43 14.41
C VAL B 85 25.63 6.20 15.08
N VAL B 86 24.95 5.05 15.11
CA VAL B 86 25.48 3.77 15.66
C VAL B 86 25.92 2.88 14.49
N SER B 87 25.95 3.42 13.27
CA SER B 87 26.39 2.71 12.04
C SER B 87 27.33 3.62 11.25
N PRO B 88 28.65 3.60 11.57
CA PRO B 88 29.63 4.42 10.85
C PRO B 88 29.78 4.11 9.35
N SER B 89 29.30 2.95 8.88
CA SER B 89 29.29 2.59 7.44
C SER B 89 28.22 3.43 6.72
N SER B 90 27.12 3.73 7.41
CA SER B 90 26.02 4.61 6.93
C SER B 90 26.51 6.06 6.86
N PHE B 91 27.34 6.47 7.82
CA PHE B 91 27.97 7.81 7.91
C PHE B 91 29.03 7.98 6.81
N GLU B 92 29.85 6.95 6.59
CA GLU B 92 30.96 6.95 5.61
C GLU B 92 30.37 6.86 4.18
N ASN B 93 29.12 6.42 4.05
CA ASN B 93 28.40 6.32 2.74
C ASN B 93 27.70 7.66 2.43
N VAL B 94 27.67 8.59 3.38
CA VAL B 94 27.15 9.97 3.13
C VAL B 94 28.11 10.68 2.16
N LYS B 95 29.42 10.66 2.43
CA LYS B 95 30.46 11.33 1.59
C LYS B 95 30.62 10.56 0.27
N GLU B 96 30.57 9.22 0.32
CA GLU B 96 31.02 8.30 -0.77
C GLU B 96 29.89 8.05 -1.78
N LYS B 97 28.62 8.02 -1.34
CA LYS B 97 27.46 7.62 -2.18
C LYS B 97 26.43 8.75 -2.29
N TRP B 98 25.84 9.18 -1.17
CA TRP B 98 24.54 9.92 -1.17
C TRP B 98 24.72 11.37 -1.63
N VAL B 99 25.70 12.09 -1.09
CA VAL B 99 25.90 13.52 -1.43
C VAL B 99 26.33 13.66 -2.89
N PRO B 100 27.25 12.83 -3.45
CA PRO B 100 27.48 12.82 -4.90
C PRO B 100 26.20 12.56 -5.70
N GLU B 101 25.37 11.61 -5.26
CA GLU B 101 24.20 11.15 -6.05
C GLU B 101 23.18 12.29 -6.21
N ILE B 102 22.93 13.06 -5.15
CA ILE B 102 21.90 14.14 -5.17
C ILE B 102 22.46 15.37 -5.89
N THR B 103 23.77 15.61 -5.82
CA THR B 103 24.41 16.75 -6.52
C THR B 103 24.49 16.43 -8.03
N HIS B 104 24.46 15.15 -8.41
CA HIS B 104 24.44 14.71 -9.83
C HIS B 104 23.07 15.02 -10.46
N HIS B 105 21.98 14.64 -9.79
CA HIS B 105 20.59 14.72 -10.33
C HIS B 105 19.91 16.06 -9.97
N CYS B 106 20.26 16.66 -8.83
CA CYS B 106 19.66 17.92 -8.33
C CYS B 106 20.77 18.80 -7.79
N PRO B 107 21.64 19.35 -8.66
CA PRO B 107 22.84 20.05 -8.20
C PRO B 107 22.56 21.31 -7.36
N LYS B 108 21.45 22.01 -7.57
CA LYS B 108 21.15 23.31 -6.91
C LYS B 108 20.25 23.11 -5.68
N THR B 109 19.84 21.86 -5.40
CA THR B 109 18.85 21.51 -4.33
C THR B 109 19.58 21.39 -2.98
N PRO B 110 19.14 22.15 -1.95
CA PRO B 110 19.74 22.04 -0.62
C PRO B 110 19.38 20.72 0.08
N PHE B 111 20.25 20.27 0.97
CA PHE B 111 20.11 18.99 1.71
C PHE B 111 20.56 19.19 3.16
N LEU B 112 19.76 18.68 4.10
CA LEU B 112 20.12 18.54 5.53
C LEU B 112 20.82 17.20 5.72
N LEU B 113 21.90 17.18 6.49
CA LEU B 113 22.56 15.94 6.96
C LEU B 113 21.91 15.58 8.29
N VAL B 114 21.30 14.40 8.38
CA VAL B 114 20.33 14.02 9.46
C VAL B 114 20.81 12.76 10.17
N GLY B 115 21.12 12.88 11.47
CA GLY B 115 21.47 11.75 12.33
C GLY B 115 20.21 11.12 12.92
N THR B 116 20.18 9.78 12.93
CA THR B 116 18.99 8.98 13.31
C THR B 116 19.38 7.96 14.37
N GLN B 117 18.40 7.50 15.16
CA GLN B 117 18.53 6.39 16.14
C GLN B 117 19.45 6.82 17.29
N ILE B 118 19.42 8.10 17.70
CA ILE B 118 20.38 8.66 18.71
C ILE B 118 20.15 7.98 20.07
N ASP B 119 18.92 7.55 20.36
CA ASP B 119 18.56 6.77 21.58
C ASP B 119 19.48 5.55 21.72
N LEU B 120 19.89 4.93 20.61
CA LEU B 120 20.79 3.72 20.62
C LEU B 120 22.26 4.13 20.88
N ARG B 121 22.56 5.43 21.01
CA ARG B 121 23.88 5.91 21.52
C ARG B 121 24.04 5.38 22.95
N ASP B 122 23.09 5.74 23.83
CA ASP B 122 23.00 5.35 25.27
C ASP B 122 22.21 4.05 25.38
N ASP B 123 22.58 3.02 24.63
CA ASP B 123 22.00 1.65 24.70
C ASP B 123 23.12 0.67 25.04
N PRO B 124 22.95 -0.16 26.09
CA PRO B 124 24.03 -1.05 26.53
C PRO B 124 24.45 -2.03 25.43
N SER B 125 23.49 -2.85 24.98
CA SER B 125 23.69 -4.00 24.06
C SER B 125 24.47 -3.56 22.82
N THR B 126 24.05 -2.46 22.17
CA THR B 126 24.50 -2.06 20.80
C THR B 126 25.90 -1.43 20.86
N ILE B 127 26.33 -0.93 22.02
CA ILE B 127 27.69 -0.31 22.19
C ILE B 127 28.74 -1.43 22.15
N GLU B 128 28.58 -2.48 22.96
CA GLU B 128 29.64 -3.51 23.18
C GLU B 128 29.80 -4.42 21.94
N LYS B 129 28.73 -4.65 21.18
CA LYS B 129 28.79 -5.41 19.90
C LYS B 129 29.42 -4.53 18.81
N LEU B 130 29.25 -3.20 18.92
CA LEU B 130 29.94 -2.20 18.07
C LEU B 130 31.41 -2.11 18.53
N ALA B 131 31.65 -2.07 19.85
CA ALA B 131 32.99 -2.00 20.47
C ALA B 131 33.80 -3.26 20.18
N LYS B 132 33.18 -4.29 19.58
CA LYS B 132 33.85 -5.56 19.15
C LYS B 132 34.70 -5.31 17.89
N ASN B 133 34.76 -4.08 17.40
CA ASN B 133 35.72 -3.64 16.35
C ASN B 133 36.28 -2.28 16.76
N LYS B 134 37.05 -1.62 15.88
CA LYS B 134 37.47 -0.20 16.05
C LYS B 134 36.21 0.65 16.31
N GLN B 135 35.08 0.28 15.68
CA GLN B 135 33.82 1.08 15.55
C GLN B 135 33.45 1.71 16.90
N LYS B 136 33.10 3.00 16.85
CA LYS B 136 32.51 3.78 17.97
C LYS B 136 31.35 4.60 17.39
N PRO B 137 30.29 4.90 18.17
CA PRO B 137 29.20 5.74 17.68
C PRO B 137 29.70 7.11 17.19
N ILE B 138 28.96 7.73 16.27
CA ILE B 138 29.32 9.01 15.60
C ILE B 138 28.95 10.18 16.53
N THR B 139 29.90 11.07 16.79
CA THR B 139 29.69 12.27 17.67
C THR B 139 29.04 13.35 16.81
N PRO B 140 28.18 14.22 17.40
CA PRO B 140 27.58 15.32 16.65
C PRO B 140 28.60 16.32 16.07
N GLU B 141 29.79 16.37 16.66
CA GLU B 141 30.88 17.31 16.25
C GLU B 141 31.54 16.78 14.97
N THR B 142 31.74 15.47 14.88
CA THR B 142 32.30 14.78 13.69
C THR B 142 31.39 15.04 12.47
N ALA B 143 30.08 14.94 12.67
CA ALA B 143 29.03 15.01 11.61
C ALA B 143 28.78 16.47 11.21
N GLU B 144 28.90 17.40 12.14
CA GLU B 144 28.80 18.86 11.89
C GLU B 144 29.93 19.30 10.97
N LYS B 145 31.11 18.66 11.09
CA LYS B 145 32.29 18.95 10.24
C LYS B 145 32.02 18.43 8.82
N LEU B 146 31.51 17.20 8.67
CA LEU B 146 31.20 16.62 7.35
C LEU B 146 30.12 17.43 6.66
N ALA B 147 29.19 18.03 7.42
CA ALA B 147 28.12 18.91 6.89
C ALA B 147 28.77 20.13 6.23
N ARG B 148 29.69 20.80 6.94
CA ARG B 148 30.44 21.98 6.46
C ARG B 148 31.28 21.61 5.22
N ASP B 149 31.97 20.47 5.28
CA ASP B 149 32.90 19.99 4.21
C ASP B 149 32.11 19.75 2.92
N LEU B 150 30.92 19.13 3.01
CA LEU B 150 30.12 18.66 1.84
C LEU B 150 29.08 19.72 1.42
N LYS B 151 29.10 20.90 2.04
CA LYS B 151 28.25 22.08 1.68
C LYS B 151 26.78 21.74 1.97
N ALA B 152 26.52 21.00 3.05
CA ALA B 152 25.18 20.81 3.65
C ALA B 152 24.75 22.12 4.29
N VAL B 153 23.45 22.32 4.49
CA VAL B 153 22.89 23.59 5.06
C VAL B 153 23.02 23.54 6.60
N LYS B 154 22.97 22.35 7.20
CA LYS B 154 22.88 22.14 8.67
C LYS B 154 23.13 20.66 8.99
N TYR B 155 23.47 20.36 10.24
CA TYR B 155 23.39 18.98 10.79
C TYR B 155 22.34 18.96 11.90
N VAL B 156 21.50 17.92 11.91
CA VAL B 156 20.38 17.72 12.88
C VAL B 156 20.36 16.25 13.32
N GLU B 157 20.23 16.01 14.62
CA GLU B 157 20.09 14.67 15.26
C GLU B 157 18.61 14.47 15.61
N CYS B 158 18.13 13.23 15.61
CA CYS B 158 16.77 12.86 16.09
C CYS B 158 16.73 11.38 16.49
N SER B 159 15.72 11.00 17.27
CA SER B 159 15.32 9.61 17.51
C SER B 159 13.85 9.44 17.15
N ALA B 160 13.53 8.55 16.22
CA ALA B 160 12.15 8.22 15.80
C ALA B 160 11.41 7.56 16.98
N LEU B 161 12.14 6.81 17.81
CA LEU B 161 11.62 6.14 19.04
C LEU B 161 11.16 7.19 20.05
N THR B 162 12.03 8.08 20.49
CA THR B 162 11.76 9.07 21.57
C THR B 162 11.31 10.41 20.97
N GLN B 163 11.22 10.51 19.63
CA GLN B 163 10.74 11.72 18.89
C GLN B 163 11.54 12.96 19.31
N LYS B 164 12.78 12.79 19.81
CA LYS B 164 13.55 13.85 20.51
C LYS B 164 13.79 15.06 19.57
N GLY B 165 14.65 14.90 18.57
CA GLY B 165 14.97 15.99 17.63
C GLY B 165 14.11 15.91 16.38
N LEU B 166 13.05 15.09 16.42
CA LEU B 166 12.27 14.64 15.22
C LEU B 166 11.58 15.84 14.57
N LYS B 167 10.87 16.66 15.35
CA LYS B 167 10.10 17.83 14.84
C LYS B 167 11.07 18.86 14.25
N ASN B 168 12.25 19.01 14.85
CA ASN B 168 13.28 20.01 14.44
C ASN B 168 13.80 19.66 13.03
N VAL B 169 14.10 18.38 12.79
CA VAL B 169 14.63 17.88 11.49
C VAL B 169 13.78 18.46 10.35
N PHE B 170 12.45 18.37 10.47
CA PHE B 170 11.49 18.70 9.38
C PHE B 170 11.23 20.22 9.37
N ASP B 171 11.24 20.87 10.53
CA ASP B 171 11.18 22.35 10.65
C ASP B 171 12.32 22.92 9.79
N GLU B 172 13.54 22.46 10.02
CA GLU B 172 14.77 22.95 9.34
C GLU B 172 14.74 22.54 7.85
N ALA B 173 13.96 21.52 7.50
CA ALA B 173 13.78 21.02 6.11
C ALA B 173 13.02 22.05 5.27
N ILE B 174 11.95 22.65 5.80
CA ILE B 174 11.19 23.74 5.11
C ILE B 174 12.06 25.00 5.04
N LEU B 175 12.84 25.28 6.09
CA LEU B 175 13.69 26.50 6.18
C LEU B 175 14.76 26.44 5.07
N ALA B 176 15.34 25.26 4.83
CA ALA B 176 16.30 25.00 3.73
C ALA B 176 15.62 25.25 2.37
N ALA B 177 14.35 24.89 2.25
CA ALA B 177 13.56 24.91 0.98
C ALA B 177 13.01 26.32 0.70
N LEU B 178 13.25 27.30 1.58
CA LEU B 178 12.77 28.70 1.40
C LEU B 178 13.95 29.69 1.38
N GLU B 179 15.03 29.43 2.14
CA GLU B 179 16.29 30.23 2.10
C GLU B 179 16.89 30.21 0.70
N PRO B 180 17.66 31.24 0.32
CA PRO B 180 18.43 31.21 -0.92
C PRO B 180 19.77 30.47 -0.73
#